data_1IV8
#
_entry.id   1IV8
#
_cell.length_a   56.504
_cell.length_b   68.497
_cell.length_c   93.769
_cell.angle_alpha   90.00
_cell.angle_beta   101.46
_cell.angle_gamma   90.00
#
_symmetry.space_group_name_H-M   'P 1 21 1'
#
loop_
_entity.id
_entity.type
_entity.pdbx_description
1 polymer 'MALTOOLIGOSYL TREHALOSE SYNTHASE'
2 water water
#
_entity_poly.entity_id   1
_entity_poly.type   'polypeptide(L)'
_entity_poly.pdbx_seq_one_letter_code
;MISATYRLQLNKNFNFGDVIDNLWYF(MLZ)DLGVSHLYLSPVLMASPGSNHGYDVIDHSRINDELGGEKEYRRLIETAH
TIGLGIIQDIVPNHMAVNSLNWRLMDVL(MLZ)MG(MLZ)(MLY)S(MLY)YYTYFDFFPEDDKIRLPILGEDLDTVISK
GLLKIVKDGDEYFLEYFKWKLPLTEVGNDIYDTLQKQNYTLMSWKNPPSYRRFFDVNTLIGVNVE(MLY)DHVFQESHS
(MLY)ILDLDVDGYRIDHIDGLYDPEKYINDLRSIIKN(MLY)IIIVEKILGFQEELKLNSDGTTGYDFLNYSNLLFNFN
QEIMDSIYENFTAEKISISESI(MLZ)KIKAQIIDELFSYEV(MLZ)RLASQLGISYDILRDYLSCIDVYRTYANQIVKE
CDKTNEIEEATKRNPEAYTKLQQYMPAVYA(MLY)AYEDTFLFRYNRLISINEVGSDLRYYKISPDQFHVFNQKRRGKIT
LNATSTHDTKFSEDVRMKISVLSEFPEEWKN(MLZ)VEEWHSIINPKVSRNDEYRYYQVLVGSFYEGFSNDF(MLY)ERI
(MLZ)QHMI(MLZ)SVREA(MLZ)INTSWRNQNKEYENRVMELVEETFTNKDFIKSFMKFES(MLY)IRRIGMIKSLSLV
ALKIMSAGIPDFYQGTEIWRYLLTDPDNRVPVDFKKLHEILEKS(MLY)KFEKNMLESMDDGRIKMYLTY(MLZ)LLSLR
KQLAEDFLKGEYKGLDLEEGLCGFIRFNKILVIIKTKGSVNYKLKLEEGAIYTDVLTGEEIKKEVQINELPRILVRM
;
_entity_poly.pdbx_strand_id   A
#
# COMPACT_ATOMS: atom_id res chain seq x y z
N MET A 1 0.54 2.43 18.46
CA MET A 1 0.56 2.49 19.96
C MET A 1 -0.37 3.58 20.47
N ILE A 2 -0.85 3.40 21.70
CA ILE A 2 -1.76 4.34 22.37
C ILE A 2 -3.01 4.79 21.61
N SER A 3 -3.02 5.96 20.98
CA SER A 3 -4.25 6.42 20.31
C SER A 3 -4.32 6.80 18.82
N ALA A 4 -3.21 7.15 18.18
CA ALA A 4 -3.24 7.52 16.76
C ALA A 4 -1.85 7.71 16.13
N THR A 5 -1.70 7.23 14.90
CA THR A 5 -0.42 7.37 14.20
C THR A 5 -0.55 8.28 13.00
N TYR A 6 0.57 8.87 12.60
CA TYR A 6 0.59 9.78 11.47
C TYR A 6 1.82 9.45 10.62
N ARG A 7 1.56 9.01 9.39
CA ARG A 7 2.59 8.62 8.42
C ARG A 7 3.28 9.82 7.79
N LEU A 8 4.59 9.91 7.95
CA LEU A 8 5.36 11.00 7.34
C LEU A 8 6.33 10.42 6.30
N GLN A 9 6.33 11.01 5.10
CA GLN A 9 7.22 10.58 4.02
C GLN A 9 8.47 11.48 4.06
N LEU A 10 9.54 10.94 4.66
CA LEU A 10 10.81 11.65 4.79
C LEU A 10 11.66 11.59 3.53
N ASN A 11 12.26 12.72 3.18
CA ASN A 11 13.15 12.79 2.02
C ASN A 11 13.97 14.06 2.05
N LYS A 12 14.80 14.26 1.03
CA LYS A 12 15.66 15.44 0.95
C LYS A 12 14.91 16.75 1.18
N ASN A 13 13.66 16.82 0.72
CA ASN A 13 12.85 18.02 0.87
C ASN A 13 11.94 18.06 2.10
N PHE A 14 12.02 17.03 2.93
CA PHE A 14 11.23 16.98 4.15
C PHE A 14 12.02 16.07 5.07
N ASN A 15 13.04 16.67 5.67
CA ASN A 15 13.97 15.98 6.56
C ASN A 15 13.64 16.05 8.04
N PHE A 16 14.57 15.54 8.86
CA PHE A 16 14.40 15.52 10.31
C PHE A 16 14.10 16.90 10.91
N GLY A 17 14.76 17.92 10.39
CA GLY A 17 14.56 19.28 10.87
C GLY A 17 13.16 19.81 10.59
N ASP A 18 12.59 19.42 9.45
CA ASP A 18 11.25 19.85 9.08
C ASP A 18 10.21 19.17 9.99
N VAL A 19 10.46 17.91 10.35
CA VAL A 19 9.55 17.20 11.24
C VAL A 19 9.52 17.92 12.59
N ILE A 20 10.71 18.22 13.11
CA ILE A 20 10.86 18.93 14.39
C ILE A 20 10.10 20.25 14.41
N ASP A 21 10.12 20.97 13.29
CA ASP A 21 9.43 22.26 13.19
C ASP A 21 7.91 22.14 13.28
N ASN A 22 7.38 20.96 12.98
CA ASN A 22 5.93 20.73 13.01
C ASN A 22 5.41 19.88 14.17
N LEU A 23 6.27 19.56 15.14
CA LEU A 23 5.87 18.74 16.29
C LEU A 23 4.68 19.26 17.08
N TRP A 24 4.62 20.56 17.31
CA TRP A 24 3.48 21.14 18.05
C TRP A 24 2.18 21.06 17.27
N TYR A 25 2.28 21.06 15.93
CA TYR A 25 1.10 20.92 15.09
C TYR A 25 0.53 19.52 15.27
N PHE A 26 1.40 18.51 15.21
CA PHE A 26 1.01 17.12 15.37
C PHE A 26 0.40 16.82 16.74
N ASP A 28 -1.15 19.07 18.75
CA ASP A 28 -2.44 19.76 18.85
C ASP A 28 -3.52 19.08 18.01
N LEU A 29 -3.12 18.45 16.91
CA LEU A 29 -4.07 17.75 16.04
C LEU A 29 -4.70 16.56 16.77
N GLY A 30 -3.94 15.96 17.69
CA GLY A 30 -4.42 14.82 18.46
C GLY A 30 -3.64 13.53 18.29
N VAL A 31 -2.61 13.56 17.44
CA VAL A 31 -1.75 12.40 17.15
C VAL A 31 -0.85 12.02 18.34
N SER A 32 -0.74 10.73 18.64
CA SER A 32 0.11 10.29 19.74
C SER A 32 1.49 9.76 19.29
N HIS A 33 1.55 9.20 18.09
CA HIS A 33 2.79 8.63 17.56
C HIS A 33 3.10 8.99 16.13
N LEU A 34 4.33 9.43 15.86
CA LEU A 34 4.74 9.73 14.48
C LEU A 34 5.19 8.40 13.88
N TYR A 35 4.76 8.15 12.65
CA TYR A 35 5.06 6.91 11.94
C TYR A 35 5.99 7.28 10.77
N LEU A 36 7.28 7.12 11.00
CA LEU A 36 8.31 7.50 10.03
C LEU A 36 8.70 6.47 8.98
N SER A 37 8.98 6.97 7.77
CA SER A 37 9.46 6.15 6.65
C SER A 37 10.92 5.74 6.99
N PRO A 38 11.48 4.71 6.30
CA PRO A 38 12.85 4.20 6.54
C PRO A 38 13.97 5.23 6.66
N VAL A 39 14.84 5.06 7.67
CA VAL A 39 15.93 6.00 7.92
C VAL A 39 17.38 5.57 7.69
N LEU A 40 17.62 4.30 7.39
CA LEU A 40 19.00 3.86 7.14
C LEU A 40 19.42 4.36 5.75
N MET A 41 20.72 4.51 5.55
CA MET A 41 21.24 4.99 4.28
C MET A 41 20.68 4.30 3.03
N ALA A 42 20.06 5.09 2.17
CA ALA A 42 19.48 4.61 0.91
C ALA A 42 20.23 5.25 -0.26
N SER A 43 19.97 4.82 -1.48
CA SER A 43 20.67 5.41 -2.61
C SER A 43 20.32 6.90 -2.72
N PRO A 44 21.33 7.74 -3.00
CA PRO A 44 21.15 9.20 -3.12
C PRO A 44 19.99 9.60 -4.02
N GLY A 45 19.18 10.51 -3.51
CA GLY A 45 18.03 10.98 -4.26
C GLY A 45 16.79 10.12 -4.08
N SER A 46 16.86 9.13 -3.19
CA SER A 46 15.72 8.26 -2.96
C SER A 46 14.57 9.05 -2.34
N ASN A 47 13.35 8.76 -2.79
CA ASN A 47 12.17 9.44 -2.30
C ASN A 47 11.40 8.60 -1.28
N HIS A 48 11.76 7.33 -1.14
CA HIS A 48 11.05 6.45 -0.22
C HIS A 48 11.91 5.70 0.80
N GLY A 49 13.23 5.66 0.56
CA GLY A 49 14.13 4.98 1.48
C GLY A 49 14.08 3.45 1.53
N TYR A 50 13.34 2.79 0.63
CA TYR A 50 13.28 1.33 0.66
C TYR A 50 14.45 0.63 -0.05
N ASP A 51 15.26 1.40 -0.76
CA ASP A 51 16.44 0.87 -1.46
C ASP A 51 17.70 1.08 -0.62
N VAL A 52 17.83 0.29 0.43
CA VAL A 52 18.92 0.37 1.39
C VAL A 52 20.31 0.01 0.86
N ILE A 53 21.28 0.86 1.14
CA ILE A 53 22.64 0.60 0.68
C ILE A 53 23.64 0.40 1.82
N ASP A 54 23.26 0.75 3.06
CA ASP A 54 24.17 0.56 4.20
C ASP A 54 23.39 0.49 5.52
N HIS A 55 23.49 -0.65 6.20
CA HIS A 55 22.82 -0.88 7.48
C HIS A 55 23.46 -0.16 8.66
N SER A 56 24.69 0.29 8.49
CA SER A 56 25.43 0.93 9.57
C SER A 56 25.31 2.43 9.69
N ARG A 57 24.61 3.07 8.75
CA ARG A 57 24.47 4.53 8.74
C ARG A 57 23.06 5.09 8.62
N ILE A 58 22.76 6.12 9.39
CA ILE A 58 21.47 6.79 9.29
C ILE A 58 21.66 7.65 8.02
N ASN A 59 20.63 7.73 7.19
CA ASN A 59 20.70 8.50 5.94
C ASN A 59 21.09 9.97 6.16
N ASP A 60 22.14 10.40 5.47
CA ASP A 60 22.63 11.78 5.58
C ASP A 60 21.78 12.81 4.85
N GLU A 61 21.09 12.39 3.78
CA GLU A 61 20.23 13.29 3.03
C GLU A 61 19.05 13.76 3.88
N LEU A 62 18.69 12.97 4.90
CA LEU A 62 17.59 13.29 5.80
C LEU A 62 18.06 14.13 6.98
N GLY A 63 19.37 14.23 7.15
CA GLY A 63 19.92 15.00 8.25
C GLY A 63 20.94 14.27 9.10
N GLY A 64 21.10 12.97 8.87
CA GLY A 64 22.08 12.20 9.62
C GLY A 64 21.63 11.83 11.03
N GLU A 65 22.45 11.02 11.70
CA GLU A 65 22.15 10.55 13.05
C GLU A 65 21.99 11.63 14.11
N LYS A 66 22.78 12.70 14.02
CA LYS A 66 22.71 13.80 14.99
C LYS A 66 21.30 14.38 15.03
N GLU A 67 20.78 14.70 13.86
CA GLU A 67 19.44 15.25 13.74
C GLU A 67 18.33 14.26 14.07
N TYR A 68 18.59 12.98 13.84
CA TYR A 68 17.61 11.94 14.13
C TYR A 68 17.42 11.80 15.65
N ARG A 69 18.54 11.79 16.40
CA ARG A 69 18.47 11.69 17.85
C ARG A 69 17.80 12.92 18.48
N ARG A 70 17.99 14.08 17.85
CA ARG A 70 17.40 15.33 18.32
C ARG A 70 15.89 15.26 18.11
N LEU A 71 15.48 14.66 16.99
CA LEU A 71 14.07 14.50 16.66
C LEU A 71 13.40 13.62 17.73
N ILE A 72 14.04 12.49 18.05
CA ILE A 72 13.53 11.56 19.05
C ILE A 72 13.41 12.20 20.44
N GLU A 73 14.46 12.89 20.87
CA GLU A 73 14.43 13.52 22.19
C GLU A 73 13.41 14.64 22.31
N THR A 74 13.29 15.46 21.27
CA THR A 74 12.35 16.58 21.22
C THR A 74 10.89 16.07 21.19
N ALA A 75 10.63 15.03 20.40
CA ALA A 75 9.30 14.46 20.34
C ALA A 75 8.90 13.96 21.72
N HIS A 76 9.83 13.25 22.36
CA HIS A 76 9.60 12.71 23.70
C HIS A 76 9.37 13.80 24.76
N THR A 77 10.06 14.92 24.61
CA THR A 77 9.90 16.03 25.55
C THR A 77 8.48 16.59 25.52
N ILE A 78 7.90 16.72 24.34
CA ILE A 78 6.54 17.23 24.23
C ILE A 78 5.49 16.13 24.33
N GLY A 79 5.95 14.91 24.62
CA GLY A 79 5.04 13.78 24.79
C GLY A 79 4.62 12.95 23.59
N LEU A 80 5.36 13.03 22.48
CA LEU A 80 5.03 12.25 21.30
C LEU A 80 5.94 11.03 21.16
N GLY A 81 5.36 9.91 20.73
CA GLY A 81 6.13 8.68 20.54
C GLY A 81 6.59 8.53 19.11
N ILE A 82 7.48 7.57 18.86
CA ILE A 82 8.01 7.32 17.52
C ILE A 82 7.94 5.85 17.12
N ILE A 83 7.32 5.57 15.97
CA ILE A 83 7.24 4.20 15.42
C ILE A 83 8.06 4.26 14.13
N GLN A 84 9.14 3.49 14.06
CA GLN A 84 10.03 3.49 12.90
C GLN A 84 9.93 2.31 11.93
N ASP A 85 9.76 2.63 10.65
CA ASP A 85 9.69 1.65 9.55
C ASP A 85 11.13 1.13 9.31
N ILE A 86 11.33 -0.18 9.35
CA ILE A 86 12.64 -0.77 9.09
C ILE A 86 12.47 -1.81 7.98
N VAL A 87 13.51 -1.99 7.16
CA VAL A 87 13.48 -2.88 6.00
C VAL A 87 14.51 -4.04 6.15
N PRO A 88 14.09 -5.17 6.74
CA PRO A 88 15.03 -6.29 6.91
C PRO A 88 15.22 -7.27 5.74
N ASN A 89 14.26 -7.31 4.82
CA ASN A 89 14.30 -8.25 3.71
C ASN A 89 15.32 -8.11 2.58
N HIS A 90 15.52 -6.90 2.08
CA HIS A 90 16.40 -6.70 0.94
C HIS A 90 17.20 -5.41 0.95
N MET A 91 18.21 -5.37 0.07
CA MET A 91 19.08 -4.21 -0.13
C MET A 91 19.11 -3.90 -1.62
N ALA A 92 19.59 -2.71 -1.96
CA ALA A 92 19.68 -2.29 -3.36
C ALA A 92 20.96 -2.79 -4.02
N VAL A 93 20.84 -3.28 -5.25
CA VAL A 93 21.99 -3.71 -6.04
C VAL A 93 22.45 -2.36 -6.59
N ASN A 94 23.49 -1.81 -5.97
CA ASN A 94 23.99 -0.49 -6.30
C ASN A 94 25.51 -0.44 -6.06
N SER A 95 26.20 0.39 -6.84
CA SER A 95 27.66 0.53 -6.70
C SER A 95 28.09 1.06 -5.33
N LEU A 96 27.18 1.72 -4.61
CA LEU A 96 27.46 2.24 -3.28
C LEU A 96 27.20 1.23 -2.16
N ASN A 97 26.61 0.09 -2.51
CA ASN A 97 26.35 -0.96 -1.53
C ASN A 97 27.71 -1.64 -1.41
N TRP A 98 28.53 -1.15 -0.48
CA TRP A 98 29.88 -1.69 -0.30
C TRP A 98 29.98 -3.19 0.08
N ARG A 99 29.02 -3.69 0.87
CA ARG A 99 29.01 -5.09 1.26
C ARG A 99 28.84 -5.95 0.01
N LEU A 100 27.95 -5.53 -0.89
CA LEU A 100 27.71 -6.25 -2.13
C LEU A 100 28.91 -6.17 -3.08
N MET A 101 29.54 -5.00 -3.17
CA MET A 101 30.69 -4.83 -4.05
C MET A 101 31.82 -5.73 -3.60
N ASP A 102 31.87 -6.03 -2.30
CA ASP A 102 32.91 -6.90 -1.75
C ASP A 102 32.73 -8.33 -2.26
N VAL A 103 31.49 -8.78 -2.40
CA VAL A 103 31.22 -10.12 -2.91
C VAL A 103 31.54 -10.16 -4.40
N LEU A 104 31.24 -9.09 -5.13
CA LEU A 104 31.52 -9.05 -6.56
C LEU A 104 33.03 -9.12 -6.79
N MET A 106 35.43 -10.35 -4.37
CA MET A 106 36.01 -11.55 -3.76
C MET A 106 35.28 -12.88 -3.98
N GLY A 107 34.06 -12.84 -4.51
CA GLY A 107 33.31 -14.06 -4.72
C GLY A 107 32.96 -14.78 -3.43
N SER A 110 34.57 -13.74 0.04
CA SER A 110 34.13 -12.52 0.70
C SER A 110 33.37 -12.93 1.98
N TYR A 112 30.95 -11.48 3.13
CA TYR A 112 29.57 -11.09 2.88
C TYR A 112 28.84 -12.01 1.92
N TYR A 113 29.49 -13.09 1.51
CA TYR A 113 28.84 -14.02 0.60
C TYR A 113 27.56 -14.56 1.23
N THR A 114 27.63 -14.92 2.51
CA THR A 114 26.48 -15.46 3.25
C THR A 114 25.47 -14.40 3.74
N TYR A 115 25.76 -13.14 3.48
CA TYR A 115 24.88 -12.04 3.89
C TYR A 115 23.69 -11.94 2.94
N PHE A 116 23.91 -12.29 1.66
CA PHE A 116 22.84 -12.24 0.65
C PHE A 116 22.38 -13.62 0.18
N ASP A 117 21.12 -13.70 -0.25
CA ASP A 117 20.56 -14.98 -0.71
C ASP A 117 20.92 -15.34 -2.15
N PHE A 118 22.16 -15.82 -2.35
CA PHE A 118 22.62 -16.24 -3.66
C PHE A 118 22.28 -17.71 -3.88
N PHE A 119 22.14 -18.11 -5.15
CA PHE A 119 21.86 -19.50 -5.49
C PHE A 119 23.21 -20.22 -5.39
N PRO A 120 23.36 -21.14 -4.43
CA PRO A 120 24.56 -21.94 -4.13
C PRO A 120 25.21 -22.72 -5.27
N GLU A 121 24.41 -23.12 -6.26
CA GLU A 121 24.93 -23.89 -7.38
C GLU A 121 25.71 -23.05 -8.38
N ASP A 122 25.49 -21.74 -8.37
CA ASP A 122 26.19 -20.86 -9.30
C ASP A 122 27.59 -20.47 -8.83
N ASP A 123 28.59 -20.78 -9.65
CA ASP A 123 29.97 -20.44 -9.32
C ASP A 123 30.22 -18.97 -9.60
N LYS A 124 29.53 -18.44 -10.62
CA LYS A 124 29.63 -17.03 -11.00
C LYS A 124 28.26 -16.38 -10.81
N ILE A 125 28.25 -15.16 -10.29
CA ILE A 125 27.01 -14.44 -10.04
C ILE A 125 26.46 -13.74 -11.29
N ARG A 126 25.29 -14.16 -11.75
CA ARG A 126 24.66 -13.52 -12.90
C ARG A 126 24.09 -12.18 -12.44
N LEU A 127 24.46 -11.13 -13.15
CA LEU A 127 23.99 -9.78 -12.85
C LEU A 127 23.25 -9.23 -14.09
N PRO A 128 21.91 -9.38 -14.14
CA PRO A 128 21.09 -8.91 -15.26
C PRO A 128 20.78 -7.41 -15.20
N ILE A 129 21.78 -6.58 -15.46
CA ILE A 129 21.63 -5.14 -15.40
C ILE A 129 21.87 -4.43 -16.73
N LEU A 130 22.20 -5.18 -17.76
CA LEU A 130 22.45 -4.58 -19.08
C LEU A 130 21.19 -4.33 -19.89
N GLY A 131 21.20 -3.23 -20.65
CA GLY A 131 20.07 -2.87 -21.50
C GLY A 131 20.01 -3.76 -22.72
N GLU A 132 21.16 -4.32 -23.09
CA GLU A 132 21.27 -5.21 -24.24
C GLU A 132 22.18 -6.33 -23.78
N ASP A 133 22.34 -7.38 -24.58
CA ASP A 133 23.25 -8.43 -24.14
C ASP A 133 24.69 -8.06 -24.38
N LEU A 134 25.57 -8.60 -23.54
CA LEU A 134 27.01 -8.35 -23.56
C LEU A 134 27.67 -7.95 -24.89
N ASP A 135 27.53 -8.79 -25.91
CA ASP A 135 28.15 -8.53 -27.22
C ASP A 135 27.87 -7.16 -27.86
N THR A 136 26.59 -6.81 -27.94
CA THR A 136 26.17 -5.53 -28.53
C THR A 136 26.66 -4.34 -27.71
N VAL A 137 26.61 -4.46 -26.38
CA VAL A 137 27.08 -3.39 -25.50
C VAL A 137 28.59 -3.16 -25.69
N ILE A 138 29.33 -4.23 -25.96
CA ILE A 138 30.78 -4.14 -26.16
C ILE A 138 31.16 -3.52 -27.52
N SER A 139 30.43 -3.88 -28.57
CA SER A 139 30.69 -3.36 -29.91
C SER A 139 30.35 -1.86 -29.96
N LYS A 140 29.38 -1.45 -29.15
CA LYS A 140 28.98 -0.06 -29.10
C LYS A 140 29.95 0.73 -28.22
N GLY A 141 30.78 0.01 -27.49
CA GLY A 141 31.76 0.62 -26.60
C GLY A 141 31.19 1.27 -25.35
N LEU A 142 30.14 0.68 -24.79
CA LEU A 142 29.49 1.19 -23.59
C LEU A 142 30.20 0.72 -22.33
N LEU A 143 30.84 -0.45 -22.42
CA LEU A 143 31.59 -1.01 -21.32
C LEU A 143 33.00 -0.45 -21.35
N LYS A 144 33.40 0.20 -20.27
CA LYS A 144 34.72 0.79 -20.19
C LYS A 144 35.49 0.37 -18.96
N ILE A 145 36.73 -0.06 -19.15
CA ILE A 145 37.60 -0.49 -18.07
C ILE A 145 38.38 0.74 -17.60
N VAL A 146 38.11 1.17 -16.38
CA VAL A 146 38.77 2.33 -15.82
C VAL A 146 39.87 1.95 -14.82
N LYS A 147 41.08 2.45 -15.09
CA LYS A 147 42.23 2.19 -14.25
C LYS A 147 42.39 3.36 -13.29
N ASP A 148 42.34 3.07 -12.00
CA ASP A 148 42.50 4.09 -10.97
C ASP A 148 43.55 3.52 -10.05
N GLY A 149 43.56 3.97 -8.81
CA GLY A 149 44.51 3.44 -7.85
C GLY A 149 43.78 2.51 -6.91
N ASP A 150 42.46 2.66 -6.80
CA ASP A 150 41.65 1.81 -5.95
C ASP A 150 41.55 0.42 -6.59
N GLU A 151 42.25 0.33 -7.72
CA GLU A 151 42.39 -0.83 -8.59
C GLU A 151 41.76 -0.54 -9.95
N TYR A 152 41.21 -1.57 -10.58
CA TYR A 152 40.55 -1.41 -11.87
C TYR A 152 39.04 -1.43 -11.65
N PHE A 153 38.32 -0.79 -12.58
CA PHE A 153 36.86 -0.70 -12.49
C PHE A 153 36.21 -0.81 -13.86
N LEU A 154 35.04 -1.42 -13.89
CA LEU A 154 34.25 -1.56 -15.11
C LEU A 154 33.17 -0.48 -15.04
N GLU A 155 33.00 0.30 -16.10
CA GLU A 155 31.99 1.34 -16.09
C GLU A 155 30.93 1.12 -17.16
N TYR A 156 29.67 1.12 -16.72
CA TYR A 156 28.55 0.96 -17.62
C TYR A 156 27.57 2.05 -17.21
N PHE A 157 27.60 3.17 -17.95
CA PHE A 157 26.76 4.32 -17.66
C PHE A 157 27.09 4.80 -16.24
N LYS A 158 26.21 4.61 -15.28
CA LYS A 158 26.52 5.03 -13.92
C LYS A 158 26.98 3.88 -13.03
N TRP A 159 27.21 2.71 -13.62
CA TRP A 159 27.69 1.58 -12.86
C TRP A 159 29.21 1.62 -12.76
N LYS A 160 29.72 1.23 -11.61
CA LYS A 160 31.15 1.17 -11.36
C LYS A 160 31.33 -0.11 -10.55
N LEU A 161 31.63 -1.20 -11.25
CA LEU A 161 31.81 -2.51 -10.64
C LEU A 161 33.29 -2.81 -10.50
N PRO A 162 33.69 -3.48 -9.40
CA PRO A 162 35.09 -3.82 -9.16
C PRO A 162 35.60 -4.96 -10.02
N LEU A 163 36.88 -4.88 -10.40
CA LEU A 163 37.51 -5.93 -11.19
C LEU A 163 38.54 -6.58 -10.27
N THR A 164 38.59 -7.91 -10.29
CA THR A 164 39.53 -8.67 -9.48
C THR A 164 40.93 -8.61 -10.09
N GLU A 165 41.00 -8.58 -11.43
CA GLU A 165 42.25 -8.50 -12.17
C GLU A 165 41.94 -8.16 -13.61
N VAL A 166 42.97 -7.78 -14.37
CA VAL A 166 42.76 -7.40 -15.76
C VAL A 166 43.67 -8.07 -16.78
N GLY A 167 43.10 -8.36 -17.95
CA GLY A 167 43.84 -8.94 -19.05
C GLY A 167 43.92 -7.85 -20.11
N ASN A 168 44.44 -8.14 -21.29
CA ASN A 168 44.51 -7.10 -22.32
C ASN A 168 43.44 -7.21 -23.40
N ASP A 169 42.19 -7.17 -22.97
CA ASP A 169 41.01 -7.27 -23.83
C ASP A 169 39.82 -7.33 -22.89
N ILE A 170 38.68 -6.81 -23.32
CA ILE A 170 37.50 -6.84 -22.47
C ILE A 170 37.04 -8.26 -22.19
N TYR A 171 37.08 -9.13 -23.20
CA TYR A 171 36.68 -10.52 -23.03
C TYR A 171 37.58 -11.30 -22.08
N ASP A 172 38.89 -11.09 -22.21
CA ASP A 172 39.85 -11.76 -21.35
C ASP A 172 39.69 -11.26 -19.91
N THR A 173 39.32 -9.99 -19.77
CA THR A 173 39.12 -9.38 -18.46
C THR A 173 37.82 -9.92 -17.85
N LEU A 174 36.78 -10.04 -18.66
CA LEU A 174 35.50 -10.53 -18.18
C LEU A 174 35.44 -12.00 -17.74
N GLN A 175 36.33 -12.84 -18.27
CA GLN A 175 36.34 -14.24 -17.87
C GLN A 175 37.14 -14.49 -16.60
N LYS A 176 37.73 -13.44 -16.05
CA LYS A 176 38.51 -13.58 -14.83
C LYS A 176 37.75 -13.09 -13.59
N GLN A 177 36.52 -12.61 -13.81
CA GLN A 177 35.67 -12.07 -12.73
C GLN A 177 34.79 -13.11 -12.06
N ASN A 178 34.24 -12.76 -10.89
CA ASN A 178 33.36 -13.64 -10.12
C ASN A 178 31.90 -13.45 -10.46
N TYR A 179 31.62 -12.51 -11.34
CA TYR A 179 30.26 -12.22 -11.77
C TYR A 179 30.18 -12.24 -13.30
N THR A 180 28.95 -12.21 -13.82
CA THR A 180 28.72 -12.20 -15.26
C THR A 180 27.56 -11.27 -15.62
N LEU A 181 27.86 -10.27 -16.45
CA LEU A 181 26.86 -9.29 -16.88
C LEU A 181 25.98 -9.82 -18.02
N MET A 182 24.68 -9.67 -17.87
CA MET A 182 23.71 -10.13 -18.87
C MET A 182 22.63 -9.09 -19.01
N SER A 183 21.79 -9.20 -20.04
CA SER A 183 20.72 -8.23 -20.22
C SER A 183 19.67 -8.45 -19.14
N TRP A 184 18.86 -7.43 -18.89
CA TRP A 184 17.82 -7.48 -17.87
C TRP A 184 16.83 -8.65 -18.04
N LYS A 185 16.77 -9.21 -19.24
CA LYS A 185 15.85 -10.31 -19.54
C LYS A 185 16.24 -11.66 -18.91
N ASN A 186 17.51 -11.80 -18.56
CA ASN A 186 18.05 -13.02 -17.98
C ASN A 186 17.87 -13.12 -16.46
N PRO A 187 17.71 -14.34 -15.93
CA PRO A 187 17.53 -14.56 -14.49
C PRO A 187 18.80 -14.34 -13.67
N PRO A 188 18.65 -13.76 -12.47
CA PRO A 188 19.79 -13.50 -11.58
C PRO A 188 20.20 -14.74 -10.79
N SER A 189 21.33 -14.64 -10.09
CA SER A 189 21.84 -15.73 -9.26
C SER A 189 21.47 -15.46 -7.81
N TYR A 190 20.37 -14.75 -7.60
CA TYR A 190 19.92 -14.41 -6.26
C TYR A 190 18.43 -14.17 -6.18
N ARG A 191 17.90 -14.24 -4.97
CA ARG A 191 16.48 -13.95 -4.73
C ARG A 191 16.32 -12.44 -4.80
N ARG A 192 15.38 -11.98 -5.62
CA ARG A 192 15.08 -10.56 -5.78
C ARG A 192 13.85 -10.24 -4.95
N PHE A 193 13.51 -8.96 -4.84
CA PHE A 193 12.28 -8.59 -4.19
C PHE A 193 11.35 -8.56 -5.42
N PHE A 194 10.38 -9.47 -5.47
CA PHE A 194 9.45 -9.58 -6.60
C PHE A 194 10.26 -9.76 -7.89
N ASP A 195 9.95 -8.97 -8.92
CA ASP A 195 10.67 -9.07 -10.19
C ASP A 195 11.67 -7.93 -10.40
N VAL A 196 12.07 -7.26 -9.32
CA VAL A 196 13.01 -6.14 -9.39
C VAL A 196 14.46 -6.65 -9.34
N ASN A 197 15.16 -6.58 -10.47
CA ASN A 197 16.54 -7.06 -10.56
C ASN A 197 17.51 -6.32 -9.64
N THR A 198 17.22 -5.06 -9.37
CA THR A 198 18.06 -4.22 -8.53
C THR A 198 17.80 -4.25 -7.02
N LEU A 199 17.11 -5.28 -6.55
CA LEU A 199 16.86 -5.47 -5.11
C LEU A 199 17.21 -6.93 -4.82
N ILE A 200 18.06 -7.13 -3.81
CA ILE A 200 18.53 -8.47 -3.46
C ILE A 200 18.22 -8.85 -2.01
N GLY A 201 17.77 -10.10 -1.82
CA GLY A 201 17.42 -10.61 -0.50
C GLY A 201 18.58 -10.78 0.47
N VAL A 202 18.29 -10.53 1.76
CA VAL A 202 19.28 -10.64 2.83
C VAL A 202 18.90 -11.82 3.76
N ASN A 203 19.89 -12.65 4.08
CA ASN A 203 19.68 -13.81 4.94
C ASN A 203 19.56 -13.44 6.42
N VAL A 204 18.54 -12.65 6.76
CA VAL A 204 18.33 -12.19 8.12
C VAL A 204 18.09 -13.30 9.16
N GLU A 205 17.78 -14.51 8.70
CA GLU A 205 17.56 -15.66 9.59
C GLU A 205 18.86 -16.15 10.25
N ASP A 207 22.05 -15.65 12.44
CA ASP A 207 22.43 -14.80 13.57
C ASP A 207 23.41 -13.64 13.33
N HIS A 208 24.51 -13.90 12.64
CA HIS A 208 25.49 -12.84 12.40
C HIS A 208 24.97 -11.77 11.42
N VAL A 209 24.09 -12.18 10.50
CA VAL A 209 23.52 -11.25 9.54
C VAL A 209 22.50 -10.34 10.26
N PHE A 210 21.67 -10.94 11.12
CA PHE A 210 20.69 -10.17 11.88
C PHE A 210 21.40 -9.12 12.73
N GLN A 211 22.40 -9.55 13.48
CA GLN A 211 23.17 -8.66 14.36
C GLN A 211 23.77 -7.45 13.67
N GLU A 212 24.47 -7.67 12.56
CA GLU A 212 25.08 -6.56 11.84
C GLU A 212 24.04 -5.66 11.17
N SER A 213 23.05 -6.26 10.53
CA SER A 213 22.01 -5.50 9.84
C SER A 213 21.16 -4.62 10.75
N HIS A 214 21.07 -4.99 12.01
CA HIS A 214 20.27 -4.26 12.99
C HIS A 214 21.08 -3.54 14.06
N SER A 215 22.40 -3.52 13.90
CA SER A 215 23.28 -2.88 14.87
C SER A 215 23.02 -1.40 15.16
N ILE A 217 20.04 0.66 14.00
CA ILE A 217 18.64 1.00 14.26
C ILE A 217 18.08 0.61 15.63
N LEU A 218 18.59 -0.47 16.23
CA LEU A 218 18.13 -0.89 17.55
C LEU A 218 18.88 -0.16 18.65
N ASP A 219 19.89 0.62 18.26
CA ASP A 219 20.67 1.39 19.21
C ASP A 219 19.94 2.70 19.56
N LEU A 220 18.90 3.01 18.80
CA LEU A 220 18.13 4.24 19.00
C LEU A 220 16.91 4.07 19.92
N ASP A 221 16.57 5.14 20.62
CA ASP A 221 15.47 5.18 21.60
C ASP A 221 14.03 5.37 21.06
N VAL A 222 13.66 4.64 20.02
CA VAL A 222 12.31 4.75 19.47
C VAL A 222 11.33 3.91 20.29
N ASP A 223 10.03 4.16 20.09
CA ASP A 223 8.99 3.48 20.85
C ASP A 223 8.39 2.22 20.21
N GLY A 224 8.65 2.02 18.94
CA GLY A 224 8.11 0.86 18.25
C GLY A 224 8.67 0.73 16.86
N TYR A 225 8.31 -0.36 16.18
CA TYR A 225 8.79 -0.65 14.83
C TYR A 225 7.72 -1.18 13.89
N ARG A 226 7.84 -0.82 12.62
CA ARG A 226 6.94 -1.28 11.56
C ARG A 226 7.85 -2.11 10.65
N ILE A 227 7.56 -3.41 10.52
CA ILE A 227 8.40 -4.28 9.71
C ILE A 227 7.92 -4.41 8.27
N ASP A 228 8.73 -3.90 7.36
CA ASP A 228 8.43 -3.93 5.95
C ASP A 228 8.56 -5.35 5.39
N HIS A 229 7.56 -5.73 4.59
CA HIS A 229 7.51 -7.02 3.91
C HIS A 229 7.94 -8.24 4.76
N ILE A 230 7.23 -8.47 5.87
CA ILE A 230 7.53 -9.57 6.77
C ILE A 230 7.42 -10.93 6.06
N ASP A 231 6.55 -11.01 5.06
CA ASP A 231 6.32 -12.23 4.32
C ASP A 231 7.48 -12.68 3.42
N GLY A 232 8.50 -11.83 3.27
CA GLY A 232 9.63 -12.22 2.46
C GLY A 232 10.65 -13.04 3.26
N LEU A 233 10.57 -12.95 4.58
CA LEU A 233 11.51 -13.64 5.47
C LEU A 233 11.43 -15.16 5.56
N TYR A 234 12.60 -15.77 5.74
CA TYR A 234 12.76 -17.21 5.85
C TYR A 234 12.09 -17.77 7.11
N ASP A 235 12.21 -17.04 8.21
CA ASP A 235 11.60 -17.44 9.48
C ASP A 235 11.05 -16.18 10.16
N PRO A 236 9.85 -15.73 9.76
CA PRO A 236 9.22 -14.53 10.34
C PRO A 236 9.13 -14.54 11.88
N GLU A 237 8.72 -15.66 12.44
CA GLU A 237 8.58 -15.80 13.89
C GLU A 237 9.93 -15.64 14.63
N LYS A 238 10.97 -16.29 14.12
CA LYS A 238 12.29 -16.19 14.74
C LYS A 238 12.77 -14.73 14.71
N TYR A 239 12.52 -14.05 13.60
CA TYR A 239 12.92 -12.67 13.45
C TYR A 239 12.27 -11.80 14.54
N ILE A 240 10.96 -11.94 14.71
CA ILE A 240 10.23 -11.18 15.74
C ILE A 240 10.82 -11.49 17.13
N ASN A 241 11.08 -12.76 17.39
CA ASN A 241 11.67 -13.17 18.67
C ASN A 241 13.05 -12.57 18.86
N ASP A 242 13.87 -12.56 17.80
CA ASP A 242 15.21 -11.99 17.86
C ASP A 242 15.14 -10.52 18.20
N LEU A 243 14.16 -9.82 17.62
CA LEU A 243 13.97 -8.40 17.91
C LEU A 243 13.63 -8.22 19.38
N ARG A 244 12.67 -9.00 19.86
CA ARG A 244 12.25 -8.88 21.25
C ARG A 244 13.34 -9.23 22.26
N SER A 245 14.29 -10.07 21.88
CA SER A 245 15.36 -10.43 22.81
C SER A 245 16.20 -9.19 23.14
N ILE A 246 16.16 -8.20 22.24
CA ILE A 246 16.90 -6.97 22.41
C ILE A 246 16.03 -5.78 22.81
N ILE A 247 14.91 -5.63 22.10
CA ILE A 247 13.96 -4.53 22.27
C ILE A 247 12.87 -4.72 23.33
N LYS A 248 12.76 -5.94 23.83
CA LYS A 248 11.78 -6.28 24.86
C LYS A 248 10.31 -6.10 24.47
N ASN A 249 9.57 -5.30 25.24
CA ASN A 249 8.13 -5.07 25.02
C ASN A 249 7.70 -3.87 24.20
N ILE A 251 6.47 -1.76 20.84
CA ILE A 251 5.47 -2.07 19.82
C ILE A 251 6.05 -2.59 18.52
N ILE A 252 5.49 -3.69 18.02
CA ILE A 252 5.93 -4.26 16.74
C ILE A 252 4.73 -4.52 15.85
N ILE A 253 4.62 -3.75 14.76
CA ILE A 253 3.54 -3.97 13.80
C ILE A 253 4.20 -4.36 12.49
N VAL A 254 3.58 -5.29 11.78
CA VAL A 254 4.15 -5.77 10.52
C VAL A 254 3.29 -5.44 9.32
N GLU A 255 3.92 -5.23 8.17
CA GLU A 255 3.18 -4.98 6.94
C GLU A 255 2.93 -6.39 6.40
N LYS A 256 1.69 -6.85 6.46
CA LYS A 256 1.33 -8.19 6.01
C LYS A 256 -0.12 -8.18 5.53
N ILE A 257 -0.37 -8.62 4.30
CA ILE A 257 -1.72 -8.67 3.74
C ILE A 257 -2.43 -9.95 4.14
N LEU A 258 -3.64 -9.82 4.68
CA LEU A 258 -4.45 -10.97 5.10
C LEU A 258 -5.62 -11.23 4.14
N GLY A 259 -6.04 -12.49 4.05
CA GLY A 259 -7.20 -12.82 3.25
C GLY A 259 -8.38 -12.42 4.12
N PHE A 260 -9.57 -12.29 3.54
CA PHE A 260 -10.76 -11.90 4.29
C PHE A 260 -11.11 -12.76 5.49
N GLN A 261 -10.83 -14.06 5.41
CA GLN A 261 -11.12 -14.93 6.55
C GLN A 261 -9.83 -15.44 7.21
N GLU A 262 -8.70 -14.82 6.88
CA GLU A 262 -7.43 -15.23 7.44
C GLU A 262 -7.10 -14.51 8.73
N GLU A 263 -6.49 -15.23 9.66
CA GLU A 263 -6.11 -14.66 10.93
C GLU A 263 -4.60 -14.55 11.00
N LEU A 264 -4.10 -13.44 11.57
CA LEU A 264 -2.67 -13.24 11.71
C LEU A 264 -2.09 -14.37 12.57
N LYS A 265 -1.18 -15.14 11.99
CA LYS A 265 -0.56 -16.25 12.69
C LYS A 265 0.79 -15.91 13.34
N LEU A 266 1.31 -14.72 13.05
CA LEU A 266 2.59 -14.31 13.62
C LEU A 266 2.50 -13.80 15.06
N ASN A 267 3.65 -13.69 15.70
CA ASN A 267 3.76 -13.22 17.08
C ASN A 267 4.02 -11.70 17.14
N SER A 268 3.23 -10.96 16.37
CA SER A 268 3.34 -9.51 16.29
C SER A 268 2.18 -8.86 17.07
N ASP A 269 2.31 -7.57 17.36
CA ASP A 269 1.24 -6.83 18.05
C ASP A 269 0.07 -6.66 17.08
N GLY A 270 0.36 -6.27 15.84
CA GLY A 270 -0.68 -6.07 14.83
C GLY A 270 -0.12 -5.84 13.44
N THR A 271 -0.93 -5.31 12.53
CA THR A 271 -0.47 -5.02 11.17
C THR A 271 -0.71 -3.54 10.82
N THR A 272 -0.26 -3.11 9.65
CA THR A 272 -0.45 -1.73 9.21
C THR A 272 -1.90 -1.39 8.83
N GLY A 273 -2.79 -2.36 8.92
CA GLY A 273 -4.21 -2.10 8.68
C GLY A 273 -4.94 -2.25 7.36
N TYR A 274 -4.41 -3.03 6.43
CA TYR A 274 -5.12 -3.24 5.17
C TYR A 274 -6.43 -4.01 5.37
N ASP A 275 -6.52 -4.75 6.48
CA ASP A 275 -7.72 -5.52 6.80
C ASP A 275 -8.86 -4.56 7.14
N PHE A 276 -8.56 -3.53 7.93
CA PHE A 276 -9.56 -2.52 8.25
C PHE A 276 -9.93 -1.75 6.99
N LEU A 277 -8.92 -1.33 6.22
CA LEU A 277 -9.13 -0.58 4.97
C LEU A 277 -10.16 -1.23 4.05
N ASN A 278 -10.04 -2.53 3.85
CA ASN A 278 -10.98 -3.21 2.97
C ASN A 278 -12.32 -3.62 3.56
N TYR A 279 -12.34 -3.94 4.85
CA TYR A 279 -13.59 -4.29 5.52
C TYR A 279 -14.53 -3.09 5.55
N SER A 280 -13.99 -1.93 5.95
CA SER A 280 -14.80 -0.72 6.01
C SER A 280 -15.21 -0.19 4.63
N ASN A 281 -14.33 -0.38 3.64
CA ASN A 281 -14.59 0.07 2.28
C ASN A 281 -15.85 -0.60 1.73
N LEU A 282 -16.04 -1.87 2.05
CA LEU A 282 -17.18 -2.63 1.57
C LEU A 282 -18.54 -2.24 2.15
N LEU A 283 -18.56 -1.42 3.19
CA LEU A 283 -19.80 -0.98 3.81
C LEU A 283 -20.50 0.11 2.98
N PHE A 284 -19.77 0.71 2.04
CA PHE A 284 -20.28 1.81 1.23
C PHE A 284 -20.74 1.55 -0.22
N ASN A 285 -20.88 0.28 -0.58
CA ASN A 285 -21.27 -0.09 -1.94
C ASN A 285 -22.69 -0.64 -2.05
N PHE A 286 -23.43 -0.20 -3.06
CA PHE A 286 -24.81 -0.63 -3.25
C PHE A 286 -25.18 -1.08 -4.67
N ASN A 287 -26.38 -1.65 -4.81
CA ASN A 287 -26.91 -2.07 -6.11
C ASN A 287 -25.98 -2.91 -6.98
N GLN A 288 -25.40 -3.97 -6.41
CA GLN A 288 -24.49 -4.86 -7.12
C GLN A 288 -25.03 -5.39 -8.46
N GLU A 289 -26.23 -5.96 -8.44
CA GLU A 289 -26.86 -6.51 -9.63
C GLU A 289 -26.91 -5.50 -10.76
N ILE A 290 -27.30 -4.27 -10.43
CA ILE A 290 -27.39 -3.20 -11.42
C ILE A 290 -26.00 -2.78 -11.93
N MET A 291 -25.01 -2.69 -11.05
CA MET A 291 -23.67 -2.30 -11.48
C MET A 291 -23.08 -3.40 -12.37
N ASP A 292 -23.44 -4.65 -12.12
CA ASP A 292 -22.98 -5.78 -12.94
C ASP A 292 -23.46 -5.64 -14.38
N SER A 293 -24.77 -5.45 -14.55
CA SER A 293 -25.40 -5.31 -15.86
C SER A 293 -24.84 -4.16 -16.68
N ILE A 294 -24.69 -2.99 -16.05
CA ILE A 294 -24.14 -1.82 -16.73
C ILE A 294 -22.76 -2.13 -17.27
N TYR A 295 -21.89 -2.68 -16.42
CA TYR A 295 -20.54 -3.04 -16.80
C TYR A 295 -20.54 -4.07 -17.93
N GLU A 296 -21.23 -5.19 -17.70
CA GLU A 296 -21.32 -6.27 -18.67
C GLU A 296 -21.94 -5.87 -20.00
N ASN A 297 -22.87 -4.93 -19.98
CA ASN A 297 -23.51 -4.49 -21.22
C ASN A 297 -22.64 -3.50 -21.98
N PHE A 298 -22.00 -2.59 -21.25
CA PHE A 298 -21.13 -1.60 -21.88
C PHE A 298 -19.87 -2.25 -22.48
N THR A 299 -19.15 -3.03 -21.68
CA THR A 299 -17.94 -3.68 -22.16
C THR A 299 -18.28 -4.94 -22.96
N ALA A 300 -19.48 -5.45 -22.72
CA ALA A 300 -19.99 -6.65 -23.38
C ALA A 300 -19.13 -7.89 -23.20
N GLU A 301 -18.87 -8.27 -21.95
CA GLU A 301 -18.06 -9.45 -21.68
C GLU A 301 -18.13 -9.91 -20.23
N LYS A 302 -18.48 -11.19 -20.04
CA LYS A 302 -18.62 -11.80 -18.71
C LYS A 302 -17.44 -12.71 -18.37
N ILE A 303 -16.81 -12.46 -17.22
CA ILE A 303 -15.68 -13.27 -16.76
C ILE A 303 -15.88 -13.77 -15.33
N SER A 304 -15.27 -14.90 -15.01
CA SER A 304 -15.32 -15.49 -13.66
C SER A 304 -14.10 -14.93 -12.92
N ILE A 305 -14.33 -14.29 -11.77
CA ILE A 305 -13.24 -13.72 -10.99
C ILE A 305 -12.23 -14.79 -10.56
N SER A 306 -12.73 -15.89 -10.01
CA SER A 306 -11.90 -16.99 -9.53
C SER A 306 -10.99 -17.62 -10.59
N GLU A 307 -11.59 -18.08 -11.68
CA GLU A 307 -10.85 -18.69 -12.78
C GLU A 307 -9.87 -17.73 -13.41
N SER A 308 -10.24 -16.45 -13.47
CA SER A 308 -9.39 -15.41 -14.05
C SER A 308 -8.12 -15.26 -13.22
N ILE A 309 -8.28 -15.11 -11.91
CA ILE A 309 -7.14 -14.96 -11.00
C ILE A 309 -6.20 -16.16 -11.03
N LYS A 311 -5.68 -18.26 -13.60
CA LYS A 311 -4.94 -18.27 -14.86
C LYS A 311 -3.89 -17.18 -14.96
N ILE A 312 -4.16 -16.01 -14.38
CA ILE A 312 -3.19 -14.92 -14.39
C ILE A 312 -1.96 -15.30 -13.55
N LYS A 313 -2.21 -15.96 -12.42
CA LYS A 313 -1.11 -16.41 -11.55
C LYS A 313 -0.20 -17.38 -12.29
N ALA A 314 -0.79 -18.32 -13.02
CA ALA A 314 -0.03 -19.30 -13.79
C ALA A 314 0.81 -18.62 -14.87
N GLN A 315 0.27 -17.57 -15.47
CA GLN A 315 0.98 -16.83 -16.52
C GLN A 315 2.12 -16.03 -15.90
N ILE A 316 1.86 -15.45 -14.74
CA ILE A 316 2.84 -14.66 -14.00
C ILE A 316 4.06 -15.52 -13.63
N ILE A 317 3.82 -16.77 -13.26
CA ILE A 317 4.89 -17.68 -12.90
C ILE A 317 5.73 -17.98 -14.14
N ASP A 318 5.06 -18.31 -15.25
CA ASP A 318 5.76 -18.64 -16.49
C ASP A 318 6.57 -17.51 -17.08
N GLU A 319 6.05 -16.28 -17.02
CA GLU A 319 6.73 -15.11 -17.59
C GLU A 319 7.76 -14.42 -16.70
N LEU A 320 7.52 -14.38 -15.40
CA LEU A 320 8.41 -13.69 -14.47
C LEU A 320 9.24 -14.55 -13.53
N PHE A 321 8.67 -15.64 -13.04
CA PHE A 321 9.38 -16.49 -12.08
C PHE A 321 9.63 -17.94 -12.48
N SER A 322 9.74 -18.22 -13.77
CA SER A 322 9.96 -19.58 -14.24
C SER A 322 11.20 -20.22 -13.62
N TYR A 323 12.34 -19.56 -13.75
CA TYR A 323 13.63 -20.04 -13.25
C TYR A 323 13.63 -20.39 -11.76
N GLU A 324 13.15 -19.46 -10.95
CA GLU A 324 13.10 -19.64 -9.50
C GLU A 324 12.20 -20.81 -9.13
N VAL A 325 11.08 -20.94 -9.82
CA VAL A 325 10.16 -22.03 -9.54
C VAL A 325 10.70 -23.38 -10.03
N ARG A 327 13.92 -24.22 -10.10
CA ARG A 327 14.98 -24.60 -9.16
C ARG A 327 14.40 -25.34 -7.96
N LEU A 328 13.39 -24.73 -7.33
CA LEU A 328 12.75 -25.30 -6.15
C LEU A 328 11.97 -26.58 -6.44
N ALA A 329 11.39 -26.70 -7.63
CA ALA A 329 10.66 -27.91 -8.02
C ALA A 329 11.66 -29.06 -8.09
N SER A 330 12.84 -28.75 -8.61
CA SER A 330 13.94 -29.70 -8.74
C SER A 330 14.39 -30.19 -7.35
N GLN A 331 14.59 -29.25 -6.42
CA GLN A 331 15.00 -29.58 -5.07
C GLN A 331 13.93 -30.37 -4.30
N LEU A 332 12.67 -30.13 -4.62
CA LEU A 332 11.57 -30.86 -3.99
C LEU A 332 11.44 -32.23 -4.67
N GLY A 333 11.89 -32.28 -5.93
CA GLY A 333 11.83 -33.50 -6.71
C GLY A 333 10.50 -33.74 -7.41
N ILE A 334 9.73 -32.67 -7.62
CA ILE A 334 8.44 -32.77 -8.29
C ILE A 334 8.43 -31.97 -9.58
N SER A 335 7.42 -32.23 -10.40
CA SER A 335 7.24 -31.56 -11.68
C SER A 335 6.94 -30.06 -11.52
N TYR A 336 7.49 -29.26 -12.42
CA TYR A 336 7.27 -27.81 -12.43
C TYR A 336 5.78 -27.54 -12.61
N ASP A 337 5.14 -28.33 -13.46
CA ASP A 337 3.70 -28.21 -13.72
C ASP A 337 2.91 -28.37 -12.42
N ILE A 338 3.28 -29.38 -11.63
CA ILE A 338 2.62 -29.66 -10.35
C ILE A 338 2.80 -28.51 -9.36
N LEU A 339 4.00 -27.94 -9.33
CA LEU A 339 4.32 -26.84 -8.44
C LEU A 339 3.60 -25.57 -8.87
N ARG A 340 3.63 -25.28 -10.17
CA ARG A 340 2.96 -24.09 -10.71
C ARG A 340 1.46 -24.07 -10.43
N ASP A 341 0.80 -25.22 -10.58
CA ASP A 341 -0.64 -25.34 -10.33
C ASP A 341 -0.95 -25.12 -8.84
N TYR A 342 -0.06 -25.58 -7.97
CA TYR A 342 -0.24 -25.41 -6.53
C TYR A 342 -0.18 -23.93 -6.16
N LEU A 343 0.84 -23.24 -6.68
CA LEU A 343 1.04 -21.82 -6.42
C LEU A 343 -0.08 -20.95 -7.00
N SER A 344 -0.69 -21.39 -8.09
CA SER A 344 -1.78 -20.64 -8.72
C SER A 344 -3.11 -20.88 -8.00
N CYS A 345 -3.13 -21.93 -7.19
CA CYS A 345 -4.32 -22.36 -6.46
C CYS A 345 -4.49 -21.74 -5.07
N ILE A 346 -3.40 -21.59 -4.32
CA ILE A 346 -3.51 -21.05 -2.98
C ILE A 346 -4.11 -19.65 -2.90
N ASP A 347 -4.89 -19.39 -1.85
CA ASP A 347 -5.54 -18.09 -1.67
C ASP A 347 -4.99 -17.25 -0.53
N VAL A 348 -3.71 -17.43 -0.22
CA VAL A 348 -3.07 -16.65 0.84
C VAL A 348 -1.73 -16.18 0.29
N TYR A 349 -1.21 -15.10 0.84
CA TYR A 349 0.08 -14.59 0.40
C TYR A 349 1.20 -15.61 0.58
N ARG A 350 1.08 -16.46 1.59
CA ARG A 350 2.07 -17.51 1.85
C ARG A 350 1.67 -18.39 3.02
N THR A 351 2.29 -19.56 3.09
CA THR A 351 2.07 -20.50 4.18
C THR A 351 3.22 -20.30 5.15
N TYR A 352 3.05 -20.82 6.36
CA TYR A 352 4.07 -20.74 7.41
C TYR A 352 4.29 -22.13 7.99
N ALA A 353 5.47 -22.35 8.57
CA ALA A 353 5.79 -23.63 9.20
C ALA A 353 5.62 -24.86 8.31
N ASN A 354 5.90 -24.71 7.02
CA ASN A 354 5.78 -25.80 6.06
C ASN A 354 4.40 -26.44 5.97
N GLN A 355 3.37 -25.71 6.37
CA GLN A 355 2.00 -26.22 6.32
C GLN A 355 1.48 -26.16 4.90
N ILE A 356 0.98 -27.28 4.41
CA ILE A 356 0.47 -27.36 3.04
C ILE A 356 -1.02 -27.04 3.02
N VAL A 357 -1.47 -26.41 1.93
CA VAL A 357 -2.88 -26.09 1.73
C VAL A 357 -3.41 -27.35 1.06
N LYS A 358 -3.97 -28.25 1.85
CA LYS A 358 -4.46 -29.53 1.34
C LYS A 358 -5.42 -29.50 0.16
N GLU A 359 -6.32 -28.52 0.12
CA GLU A 359 -7.28 -28.43 -0.99
C GLU A 359 -6.60 -28.13 -2.32
N CYS A 360 -5.34 -27.72 -2.28
CA CYS A 360 -4.58 -27.44 -3.49
C CYS A 360 -3.55 -28.52 -3.77
N ASP A 361 -3.44 -29.48 -2.85
CA ASP A 361 -2.51 -30.59 -3.00
C ASP A 361 -3.23 -31.94 -2.94
N LYS A 362 -4.53 -31.95 -3.23
CA LYS A 362 -5.31 -33.18 -3.21
C LYS A 362 -4.82 -34.25 -2.20
N THR A 363 -4.28 -33.77 -1.08
CA THR A 363 -3.75 -34.60 0.01
C THR A 363 -2.62 -35.58 -0.37
N ASN A 364 -1.85 -35.29 -1.41
CA ASN A 364 -0.79 -36.22 -1.82
C ASN A 364 0.64 -35.71 -2.12
N GLU A 365 0.99 -35.64 -3.41
CA GLU A 365 2.31 -35.25 -3.93
C GLU A 365 3.15 -34.17 -3.25
N ILE A 366 2.59 -32.99 -3.07
CA ILE A 366 3.35 -31.90 -2.46
C ILE A 366 3.69 -32.10 -0.98
N GLU A 367 2.77 -32.71 -0.22
CA GLU A 367 2.99 -32.98 1.20
C GLU A 367 4.12 -33.99 1.45
N GLU A 368 4.11 -35.08 0.70
CA GLU A 368 5.14 -36.10 0.87
C GLU A 368 6.50 -35.65 0.38
N ALA A 369 6.54 -34.84 -0.67
CA ALA A 369 7.80 -34.34 -1.20
C ALA A 369 8.38 -33.36 -0.18
N THR A 370 7.50 -32.69 0.55
CA THR A 370 7.91 -31.72 1.57
C THR A 370 8.45 -32.44 2.82
N LYS A 371 7.90 -33.61 3.16
CA LYS A 371 8.36 -34.36 4.32
C LYS A 371 9.80 -34.85 4.10
N ARG A 372 10.16 -35.10 2.84
CA ARG A 372 11.49 -35.57 2.51
C ARG A 372 12.51 -34.42 2.39
N ASN A 373 12.07 -33.29 1.84
CA ASN A 373 12.94 -32.13 1.63
C ASN A 373 12.26 -30.88 2.20
N PRO A 374 12.13 -30.79 3.53
CA PRO A 374 11.48 -29.62 4.14
C PRO A 374 12.13 -28.28 3.79
N GLU A 375 13.45 -28.28 3.64
CA GLU A 375 14.19 -27.07 3.31
C GLU A 375 13.76 -26.34 2.03
N ALA A 376 13.52 -27.10 0.97
CA ALA A 376 13.11 -26.51 -0.31
C ALA A 376 11.75 -25.83 -0.23
N TYR A 377 10.85 -26.35 0.59
CA TYR A 377 9.52 -25.79 0.75
C TYR A 377 9.56 -24.51 1.59
N THR A 378 10.43 -24.46 2.60
CA THR A 378 10.58 -23.26 3.44
C THR A 378 11.06 -22.13 2.53
N LYS A 379 11.98 -22.46 1.63
CA LYS A 379 12.49 -21.49 0.66
C LYS A 379 11.38 -21.01 -0.28
N LEU A 380 10.50 -21.91 -0.68
CA LEU A 380 9.40 -21.58 -1.58
C LEU A 380 8.43 -20.57 -0.96
N GLN A 381 8.22 -20.66 0.35
CA GLN A 381 7.33 -19.75 1.07
C GLN A 381 7.75 -18.28 0.92
N GLN A 382 9.04 -18.04 0.70
CA GLN A 382 9.55 -16.68 0.52
C GLN A 382 9.15 -16.07 -0.82
N TYR A 383 8.88 -16.92 -1.82
CA TYR A 383 8.49 -16.48 -3.15
C TYR A 383 6.97 -16.41 -3.34
N MET A 384 6.22 -17.08 -2.47
CA MET A 384 4.76 -17.08 -2.59
C MET A 384 4.14 -15.67 -2.64
N PRO A 385 4.60 -14.75 -1.79
CA PRO A 385 3.99 -13.41 -1.85
C PRO A 385 4.20 -12.66 -3.19
N ALA A 386 5.30 -12.94 -3.89
CA ALA A 386 5.60 -12.30 -5.18
C ALA A 386 4.60 -12.71 -6.25
N VAL A 387 4.20 -13.97 -6.22
CA VAL A 387 3.22 -14.53 -7.17
C VAL A 387 1.87 -13.85 -6.98
N TYR A 388 1.44 -13.77 -5.72
CA TYR A 388 0.17 -13.15 -5.37
C TYR A 388 0.16 -11.67 -5.74
N ALA A 389 1.16 -10.93 -5.28
CA ALA A 389 1.24 -9.50 -5.55
C ALA A 389 1.31 -9.12 -7.03
N ALA A 391 0.38 -10.83 -9.70
CA ALA A 391 -0.82 -11.25 -10.42
C ALA A 391 -2.08 -10.47 -10.03
N TYR A 392 -2.29 -10.28 -8.74
CA TYR A 392 -3.47 -9.61 -8.23
C TYR A 392 -3.35 -8.09 -8.15
N GLU A 393 -2.48 -7.61 -7.27
CA GLU A 393 -2.29 -6.18 -7.07
C GLU A 393 -1.84 -5.44 -8.32
N ASP A 394 -0.90 -6.01 -9.05
CA ASP A 394 -0.37 -5.35 -10.24
C ASP A 394 -0.87 -5.73 -11.62
N THR A 395 -1.80 -6.69 -11.73
CA THR A 395 -2.33 -7.08 -13.04
C THR A 395 -3.86 -7.08 -13.02
N PHE A 396 -4.45 -7.99 -12.25
CA PHE A 396 -5.89 -8.12 -12.16
C PHE A 396 -6.65 -6.89 -11.67
N LEU A 397 -6.10 -6.14 -10.71
CA LEU A 397 -6.77 -4.93 -10.21
C LEU A 397 -6.99 -3.89 -11.31
N PHE A 398 -6.24 -3.99 -12.41
CA PHE A 398 -6.38 -3.07 -13.53
C PHE A 398 -7.27 -3.61 -14.65
N ARG A 399 -7.83 -4.80 -14.46
CA ARG A 399 -8.68 -5.44 -15.48
C ARG A 399 -10.17 -5.50 -15.17
N TYR A 400 -10.52 -5.87 -13.93
CA TYR A 400 -11.92 -5.98 -13.54
C TYR A 400 -12.43 -4.61 -13.11
N ASN A 401 -13.17 -3.96 -14.01
CA ASN A 401 -13.62 -2.60 -13.78
C ASN A 401 -15.02 -2.25 -13.29
N ARG A 402 -15.70 -3.22 -12.68
CA ARG A 402 -17.00 -2.96 -12.08
C ARG A 402 -16.56 -2.22 -10.80
N LEU A 403 -17.05 -1.00 -10.60
CA LEU A 403 -16.69 -0.19 -9.42
C LEU A 403 -15.22 -0.29 -8.94
N ILE A 404 -14.34 0.51 -9.53
CA ILE A 404 -12.92 0.47 -9.18
C ILE A 404 -12.50 0.95 -7.78
N SER A 405 -13.43 1.51 -7.01
CA SER A 405 -13.12 1.95 -5.64
C SER A 405 -12.77 0.74 -4.77
N ILE A 406 -13.17 -0.45 -5.22
CA ILE A 406 -12.93 -1.72 -4.52
C ILE A 406 -11.55 -2.29 -4.90
N ASN A 407 -11.00 -1.86 -6.04
CA ASN A 407 -9.73 -2.35 -6.57
C ASN A 407 -8.54 -1.78 -5.80
N GLU A 408 -8.36 -2.26 -4.59
CA GLU A 408 -7.31 -1.76 -3.72
C GLU A 408 -6.39 -2.85 -3.16
N VAL A 409 -5.24 -2.43 -2.65
CA VAL A 409 -4.29 -3.36 -2.04
C VAL A 409 -4.98 -3.95 -0.81
N GLY A 410 -4.98 -5.28 -0.70
CA GLY A 410 -5.61 -5.95 0.42
C GLY A 410 -7.05 -6.35 0.15
N SER A 411 -7.53 -6.09 -1.07
CA SER A 411 -8.89 -6.39 -1.52
C SER A 411 -9.09 -7.84 -1.89
N ASP A 412 -10.35 -8.21 -2.10
CA ASP A 412 -10.73 -9.54 -2.59
C ASP A 412 -11.96 -9.19 -3.43
N LEU A 413 -11.76 -9.09 -4.74
CA LEU A 413 -12.82 -8.74 -5.67
C LEU A 413 -14.01 -9.69 -5.73
N ARG A 414 -13.93 -10.79 -5.00
CA ARG A 414 -15.04 -11.72 -4.95
C ARG A 414 -16.12 -11.14 -4.03
N TYR A 415 -15.75 -10.11 -3.29
CA TYR A 415 -16.65 -9.43 -2.38
C TYR A 415 -16.99 -8.07 -2.95
N TYR A 416 -18.27 -7.71 -2.93
CA TYR A 416 -18.73 -6.41 -3.44
C TYR A 416 -19.14 -5.50 -2.29
N LYS A 417 -19.79 -6.06 -1.28
CA LYS A 417 -20.21 -5.29 -0.11
C LYS A 417 -20.26 -6.21 1.10
N ILE A 418 -20.47 -5.61 2.26
CA ILE A 418 -20.55 -6.35 3.50
C ILE A 418 -21.57 -5.66 4.41
N SER A 419 -22.35 -6.46 5.13
CA SER A 419 -23.36 -5.92 6.03
C SER A 419 -22.71 -5.41 7.31
N PRO A 420 -23.37 -4.48 8.04
CA PRO A 420 -22.78 -3.98 9.28
C PRO A 420 -22.53 -5.10 10.28
N ASP A 421 -23.33 -6.16 10.19
CA ASP A 421 -23.21 -7.31 11.08
C ASP A 421 -21.84 -7.97 11.00
N GLN A 422 -21.29 -8.07 9.80
CA GLN A 422 -19.98 -8.65 9.61
C GLN A 422 -18.86 -7.74 10.06
N PHE A 423 -19.12 -6.43 10.00
CA PHE A 423 -18.14 -5.45 10.43
C PHE A 423 -18.03 -5.52 11.95
N HIS A 424 -19.18 -5.66 12.61
CA HIS A 424 -19.23 -5.75 14.08
C HIS A 424 -18.39 -6.92 14.57
N VAL A 425 -18.55 -8.08 13.95
CA VAL A 425 -17.81 -9.28 14.32
C VAL A 425 -16.30 -9.04 14.14
N PHE A 426 -15.95 -8.38 13.04
CA PHE A 426 -14.57 -8.05 12.72
C PHE A 426 -14.01 -7.18 13.85
N ASN A 427 -14.81 -6.23 14.33
CA ASN A 427 -14.37 -5.36 15.42
C ASN A 427 -14.24 -6.07 16.75
N GLN A 428 -15.01 -7.13 16.95
CA GLN A 428 -14.95 -7.90 18.18
C GLN A 428 -13.62 -8.62 18.26
N LYS A 429 -13.16 -9.19 17.15
CA LYS A 429 -11.89 -9.89 17.10
C LYS A 429 -10.74 -8.91 17.34
N ARG A 430 -10.99 -7.64 17.06
CA ARG A 430 -9.99 -6.57 17.17
C ARG A 430 -9.72 -6.06 18.59
N ARG A 431 -10.71 -6.22 19.47
CA ARG A 431 -10.60 -5.75 20.84
C ARG A 431 -9.30 -6.02 21.59
N GLY A 432 -8.68 -4.94 22.07
CA GLY A 432 -7.44 -5.05 22.82
C GLY A 432 -6.14 -5.11 22.04
N LYS A 433 -6.20 -5.40 20.74
CA LYS A 433 -5.00 -5.50 19.92
C LYS A 433 -4.43 -4.16 19.49
N ILE A 434 -3.11 -4.04 19.53
CA ILE A 434 -2.42 -2.83 19.09
C ILE A 434 -2.16 -3.02 17.59
N THR A 435 -3.19 -2.76 16.79
CA THR A 435 -3.12 -2.90 15.34
C THR A 435 -3.74 -1.63 14.72
N LEU A 436 -3.34 -1.29 13.50
CA LEU A 436 -3.82 -0.07 12.86
C LEU A 436 -5.10 -0.13 12.01
N ASN A 437 -5.76 1.02 11.90
CA ASN A 437 -6.97 1.19 11.09
C ASN A 437 -6.57 2.16 9.99
N ALA A 438 -6.17 1.63 8.83
CA ALA A 438 -5.72 2.47 7.71
C ALA A 438 -6.78 2.71 6.66
N THR A 439 -6.70 3.87 5.99
CA THR A 439 -7.64 4.19 4.91
C THR A 439 -6.89 4.79 3.69
N SER A 440 -5.64 5.19 3.91
CA SER A 440 -4.75 5.74 2.88
C SER A 440 -3.30 5.45 3.23
N THR A 441 -2.51 4.97 2.27
CA THR A 441 -1.10 4.70 2.51
C THR A 441 -0.26 5.17 1.32
N HIS A 442 1.04 4.98 1.42
CA HIS A 442 1.95 5.35 0.35
C HIS A 442 1.91 4.30 -0.77
N ASP A 443 1.27 3.16 -0.49
CA ASP A 443 1.15 2.08 -1.46
C ASP A 443 -0.24 1.84 -2.06
N THR A 444 -1.27 2.47 -1.50
CA THR A 444 -2.62 2.27 -2.04
C THR A 444 -2.81 2.86 -3.44
N LYS A 445 -3.64 2.19 -4.24
CA LYS A 445 -3.91 2.62 -5.61
C LYS A 445 -4.55 4.00 -5.63
N PHE A 446 -5.43 4.28 -4.66
CA PHE A 446 -6.13 5.57 -4.55
C PHE A 446 -6.16 6.05 -3.10
N SER A 447 -6.46 7.32 -2.91
CA SER A 447 -6.59 7.87 -1.55
C SER A 447 -8.03 7.58 -1.12
N GLU A 448 -8.29 7.71 0.18
CA GLU A 448 -9.61 7.45 0.76
C GLU A 448 -10.72 8.29 0.13
N ASP A 449 -10.43 9.56 -0.15
CA ASP A 449 -11.42 10.45 -0.73
C ASP A 449 -11.79 10.11 -2.18
N VAL A 450 -10.85 9.50 -2.91
CA VAL A 450 -11.12 9.08 -4.28
C VAL A 450 -12.07 7.87 -4.21
N ARG A 451 -11.78 6.93 -3.32
CA ARG A 451 -12.61 5.75 -3.19
C ARG A 451 -14.04 6.08 -2.76
N MET A 452 -14.19 7.00 -1.83
CA MET A 452 -15.53 7.39 -1.37
C MET A 452 -16.36 8.12 -2.43
N LYS A 453 -15.69 8.90 -3.28
CA LYS A 453 -16.39 9.63 -4.33
C LYS A 453 -16.89 8.66 -5.42
N ILE A 454 -16.03 7.69 -5.78
CA ILE A 454 -16.40 6.68 -6.79
C ILE A 454 -17.53 5.77 -6.28
N SER A 455 -17.54 5.47 -4.98
CA SER A 455 -18.58 4.62 -4.40
C SER A 455 -19.97 5.23 -4.58
N VAL A 456 -20.05 6.55 -4.72
CA VAL A 456 -21.34 7.24 -4.90
C VAL A 456 -22.02 6.82 -6.20
N LEU A 457 -21.23 6.37 -7.19
CA LEU A 457 -21.76 5.92 -8.47
C LEU A 457 -22.75 4.75 -8.28
N SER A 458 -22.54 3.95 -7.24
CA SER A 458 -23.42 2.82 -6.96
C SER A 458 -24.76 3.27 -6.36
N GLU A 459 -24.83 4.53 -5.93
CA GLU A 459 -26.05 5.11 -5.38
C GLU A 459 -26.94 5.75 -6.46
N PHE A 460 -26.35 6.00 -7.63
CA PHE A 460 -27.07 6.59 -8.77
C PHE A 460 -26.74 5.79 -10.04
N PRO A 461 -27.03 4.47 -10.04
CA PRO A 461 -26.72 3.65 -11.24
C PRO A 461 -27.39 4.01 -12.56
N GLU A 462 -28.65 4.42 -12.52
CA GLU A 462 -29.39 4.78 -13.73
C GLU A 462 -28.86 6.04 -14.40
N GLU A 463 -28.51 7.05 -13.59
CA GLU A 463 -27.96 8.28 -14.13
C GLU A 463 -26.52 8.05 -14.62
N TRP A 464 -25.77 7.24 -13.89
CA TRP A 464 -24.39 6.93 -14.27
C TRP A 464 -24.40 6.23 -15.62
N LYS A 465 -25.29 5.27 -15.77
CA LYS A 465 -25.44 4.53 -17.04
C LYS A 465 -25.73 5.50 -18.18
N ASN A 466 -26.64 6.45 -17.94
CA ASN A 466 -27.01 7.44 -18.95
C ASN A 466 -25.84 8.36 -19.32
N VAL A 468 -22.54 7.67 -19.06
CA VAL A 468 -21.54 6.91 -19.80
C VAL A 468 -21.89 6.79 -21.30
N GLU A 469 -23.17 6.54 -21.59
CA GLU A 469 -23.62 6.43 -22.97
C GLU A 469 -23.53 7.79 -23.65
N GLU A 470 -23.93 8.83 -22.94
CA GLU A 470 -23.89 10.20 -23.46
C GLU A 470 -22.45 10.58 -23.79
N TRP A 471 -21.55 10.32 -22.86
CA TRP A 471 -20.15 10.64 -23.02
C TRP A 471 -19.52 9.85 -24.17
N HIS A 472 -19.84 8.57 -24.28
CA HIS A 472 -19.30 7.74 -25.36
C HIS A 472 -19.73 8.24 -26.75
N SER A 473 -20.93 8.80 -26.83
CA SER A 473 -21.47 9.32 -28.09
C SER A 473 -20.74 10.59 -28.53
N ILE A 474 -20.42 11.44 -27.56
CA ILE A 474 -19.72 12.70 -27.82
C ILE A 474 -18.26 12.39 -28.16
N ILE A 475 -17.59 11.71 -27.23
CA ILE A 475 -16.20 11.30 -27.39
C ILE A 475 -16.28 9.88 -27.93
N ASN A 476 -16.01 9.67 -29.20
CA ASN A 476 -16.06 8.32 -29.75
C ASN A 476 -14.60 7.87 -29.83
N PRO A 477 -14.04 7.35 -28.71
CA PRO A 477 -12.65 6.91 -28.67
C PRO A 477 -12.34 5.57 -29.31
N LYS A 478 -11.05 5.33 -29.56
CA LYS A 478 -10.58 4.09 -30.17
C LYS A 478 -9.86 3.16 -29.19
N VAL A 479 -10.19 3.28 -27.91
CA VAL A 479 -9.62 2.41 -26.88
C VAL A 479 -10.67 1.33 -26.64
N SER A 480 -10.35 0.31 -25.84
CA SER A 480 -11.33 -0.73 -25.56
C SER A 480 -12.46 -0.16 -24.69
N ARG A 481 -13.62 -0.79 -24.71
CA ARG A 481 -14.75 -0.34 -23.90
C ARG A 481 -14.40 -0.47 -22.42
N ASN A 482 -13.57 -1.46 -22.10
CA ASN A 482 -13.14 -1.73 -20.73
C ASN A 482 -12.28 -0.57 -20.20
N ASP A 483 -11.32 -0.13 -21.01
CA ASP A 483 -10.43 0.97 -20.61
C ASP A 483 -11.18 2.29 -20.60
N GLU A 484 -12.15 2.44 -21.49
CA GLU A 484 -12.96 3.65 -21.54
C GLU A 484 -13.79 3.75 -20.28
N TYR A 485 -14.40 2.63 -19.90
CA TYR A 485 -15.23 2.57 -18.69
C TYR A 485 -14.42 2.93 -17.44
N ARG A 486 -13.20 2.41 -17.34
CA ARG A 486 -12.33 2.69 -16.21
C ARG A 486 -11.92 4.17 -16.18
N TYR A 487 -11.63 4.73 -17.36
CA TYR A 487 -11.24 6.13 -17.47
C TYR A 487 -12.32 7.07 -16.89
N TYR A 488 -13.58 6.85 -17.25
CA TYR A 488 -14.66 7.69 -16.74
C TYR A 488 -14.70 7.67 -15.21
N GLN A 489 -14.46 6.51 -14.60
CA GLN A 489 -14.45 6.38 -13.14
C GLN A 489 -13.27 7.12 -12.50
N VAL A 490 -12.08 6.94 -13.07
CA VAL A 490 -10.86 7.60 -12.57
C VAL A 490 -11.03 9.12 -12.65
N LEU A 491 -11.60 9.60 -13.76
CA LEU A 491 -11.82 11.03 -14.01
C LEU A 491 -12.78 11.63 -12.99
N VAL A 492 -13.95 11.02 -12.85
CA VAL A 492 -14.96 11.46 -11.90
C VAL A 492 -14.41 11.46 -10.47
N GLY A 493 -13.71 10.38 -10.10
CA GLY A 493 -13.17 10.25 -8.77
C GLY A 493 -12.08 11.18 -8.31
N SER A 494 -11.18 11.57 -9.21
CA SER A 494 -10.08 12.45 -8.84
C SER A 494 -10.20 13.90 -9.26
N PHE A 495 -11.22 14.21 -10.05
CA PHE A 495 -11.44 15.56 -10.58
C PHE A 495 -11.16 16.77 -9.70
N TYR A 496 -11.90 16.91 -8.60
CA TYR A 496 -11.74 18.05 -7.67
C TYR A 496 -10.71 19.13 -8.01
N GLU A 497 -10.98 19.99 -8.98
CA GLU A 497 -10.04 21.05 -9.34
C GLU A 497 -10.34 21.80 -10.63
N GLY A 498 -10.45 21.04 -11.71
CA GLY A 498 -10.71 21.59 -13.03
C GLY A 498 -9.85 20.88 -14.04
N PHE A 499 -10.10 21.11 -15.32
CA PHE A 499 -9.34 20.49 -16.40
C PHE A 499 -8.06 21.26 -16.70
N SER A 500 -7.22 21.37 -15.68
CA SER A 500 -5.94 22.07 -15.78
C SER A 500 -4.89 21.25 -16.51
N ASN A 501 -3.79 21.91 -16.85
CA ASN A 501 -2.65 21.27 -17.51
C ASN A 501 -1.93 20.35 -16.54
N ASP A 502 -1.95 20.68 -15.26
CA ASP A 502 -1.29 19.83 -14.26
C ASP A 502 -2.11 18.55 -14.06
N PHE A 503 -3.42 18.69 -13.97
CA PHE A 503 -4.31 17.55 -13.78
C PHE A 503 -4.26 16.67 -15.04
N GLU A 505 -1.74 16.17 -16.94
CA GLU A 505 -0.49 15.41 -16.90
C GLU A 505 -0.61 14.23 -15.94
N ARG A 506 -1.19 14.45 -14.78
CA ARG A 506 -1.38 13.40 -13.78
C ARG A 506 -2.23 12.27 -14.38
N ILE A 507 -3.33 12.64 -15.04
CA ILE A 507 -4.24 11.67 -15.68
C ILE A 507 -3.58 10.86 -16.79
N GLN A 509 -0.40 10.21 -17.36
CA GLN A 509 0.59 9.31 -16.78
C GLN A 509 -0.06 8.12 -16.07
N HIS A 510 -1.15 8.38 -15.34
CA HIS A 510 -1.86 7.31 -14.64
C HIS A 510 -2.46 6.32 -15.62
N MET A 511 -3.05 6.82 -16.71
CA MET A 511 -3.65 5.94 -17.71
C MET A 511 -2.64 5.09 -18.46
N ILE A 512 -1.47 5.65 -18.76
CA ILE A 512 -0.42 4.90 -19.44
C ILE A 512 0.07 3.78 -18.52
N SER A 514 -1.62 2.43 -16.07
CA SER A 514 -2.75 1.50 -15.91
C SER A 514 -2.87 0.48 -17.04
N VAL A 515 -2.81 0.92 -18.30
CA VAL A 515 -2.92 0.00 -19.43
C VAL A 515 -1.72 -0.92 -19.55
N ARG A 516 -0.54 -0.44 -19.17
CA ARG A 516 0.64 -1.29 -19.22
C ARG A 516 0.58 -2.40 -18.17
N GLU A 517 0.05 -2.08 -17.00
CA GLU A 517 -0.09 -3.06 -15.92
C GLU A 517 -1.15 -4.10 -16.26
N ALA A 518 -2.24 -3.66 -16.91
CA ALA A 518 -3.33 -4.56 -17.30
C ALA A 518 -2.81 -5.63 -18.25
N ILE A 520 -3.12 -6.10 -21.52
CA ILE A 520 -4.04 -6.65 -22.51
C ILE A 520 -3.72 -6.13 -23.91
N ASN A 521 -3.62 -4.81 -24.04
CA ASN A 521 -3.35 -4.17 -25.32
C ASN A 521 -1.99 -3.50 -25.42
N THR A 522 -1.19 -3.61 -24.36
CA THR A 522 0.15 -3.03 -24.31
C THR A 522 0.78 -3.49 -23.01
N SER A 523 2.09 -3.31 -22.86
CA SER A 523 2.76 -3.70 -21.64
C SER A 523 4.08 -2.96 -21.43
N TRP A 524 4.64 -3.13 -20.24
CA TRP A 524 5.90 -2.51 -19.90
C TRP A 524 7.04 -3.11 -20.74
N ARG A 525 7.07 -4.44 -20.83
CA ARG A 525 8.10 -5.15 -21.59
C ARG A 525 8.01 -5.08 -23.11
N ASN A 526 6.83 -4.76 -23.62
CA ASN A 526 6.61 -4.66 -25.07
C ASN A 526 5.47 -3.67 -25.28
N GLN A 527 5.83 -2.41 -25.51
CA GLN A 527 4.85 -1.36 -25.68
C GLN A 527 4.16 -1.31 -27.05
N ASN A 528 2.84 -1.21 -27.02
CA ASN A 528 2.04 -1.10 -28.23
C ASN A 528 1.77 0.40 -28.47
N LYS A 529 2.65 1.02 -29.25
CA LYS A 529 2.56 2.45 -29.57
C LYS A 529 1.20 2.89 -30.12
N GLU A 530 0.68 2.13 -31.08
CA GLU A 530 -0.60 2.43 -31.72
C GLU A 530 -1.73 2.62 -30.69
N TYR A 531 -1.81 1.70 -29.73
CA TYR A 531 -2.84 1.76 -28.71
C TYR A 531 -2.61 2.86 -27.67
N GLU A 532 -1.36 3.07 -27.28
CA GLU A 532 -1.05 4.11 -26.30
C GLU A 532 -1.37 5.48 -26.87
N ASN A 533 -1.22 5.65 -28.18
CA ASN A 533 -1.53 6.92 -28.82
C ASN A 533 -3.04 7.13 -28.71
N ARG A 534 -3.81 6.05 -28.82
CA ARG A 534 -5.27 6.14 -28.71
C ARG A 534 -5.70 6.53 -27.30
N VAL A 535 -4.95 6.04 -26.30
CA VAL A 535 -5.22 6.35 -24.90
C VAL A 535 -4.98 7.84 -24.63
N MET A 536 -3.94 8.38 -25.25
CA MET A 536 -3.61 9.80 -25.09
C MET A 536 -4.59 10.70 -25.83
N GLU A 537 -5.16 10.20 -26.94
CA GLU A 537 -6.15 10.93 -27.72
C GLU A 537 -7.44 11.05 -26.90
N LEU A 538 -7.75 10.01 -26.12
CA LEU A 538 -8.92 10.00 -25.27
C LEU A 538 -8.84 11.13 -24.24
N VAL A 539 -7.66 11.29 -23.65
CA VAL A 539 -7.43 12.33 -22.65
C VAL A 539 -7.55 13.74 -23.25
N GLU A 540 -6.89 13.98 -24.38
CA GLU A 540 -6.93 15.30 -25.02
C GLU A 540 -8.34 15.71 -25.39
N GLU A 541 -9.11 14.76 -25.90
CA GLU A 541 -10.49 15.00 -26.33
C GLU A 541 -11.41 15.36 -25.15
N THR A 542 -11.35 14.59 -24.08
CA THR A 542 -12.20 14.88 -22.93
C THR A 542 -11.82 16.18 -22.22
N PHE A 543 -10.58 16.61 -22.42
CA PHE A 543 -10.09 17.84 -21.79
C PHE A 543 -10.37 19.10 -22.61
N THR A 544 -10.74 18.93 -23.88
CA THR A 544 -11.00 20.05 -24.78
C THR A 544 -12.41 20.13 -25.37
N ASN A 545 -13.13 19.00 -25.47
CA ASN A 545 -14.48 18.97 -26.03
C ASN A 545 -15.45 19.69 -25.09
N LYS A 546 -15.96 20.83 -25.53
CA LYS A 546 -16.88 21.64 -24.73
C LYS A 546 -18.19 20.98 -24.32
N ASP A 547 -18.74 20.12 -25.18
CA ASP A 547 -19.99 19.45 -24.84
C ASP A 547 -19.76 18.42 -23.75
N PHE A 548 -18.59 17.80 -23.78
CA PHE A 548 -18.24 16.80 -22.77
C PHE A 548 -18.06 17.51 -21.44
N ILE A 549 -17.20 18.52 -21.44
CA ILE A 549 -16.90 19.27 -20.24
C ILE A 549 -18.17 19.77 -19.54
N LYS A 550 -19.11 20.30 -20.32
CA LYS A 550 -20.36 20.81 -19.78
C LYS A 550 -21.15 19.71 -19.07
N SER A 551 -21.37 18.60 -19.76
CA SER A 551 -22.11 17.47 -19.21
C SER A 551 -21.41 16.92 -17.96
N PHE A 552 -20.12 16.65 -18.10
CA PHE A 552 -19.33 16.12 -17.00
C PHE A 552 -19.40 17.00 -15.74
N MET A 553 -19.19 18.30 -15.90
CA MET A 553 -19.19 19.19 -14.74
C MET A 553 -20.48 19.25 -13.95
N LYS A 554 -21.62 19.13 -14.64
CA LYS A 554 -22.91 19.17 -13.96
C LYS A 554 -23.10 17.94 -13.08
N PHE A 555 -22.68 16.79 -13.60
CA PHE A 555 -22.79 15.52 -12.88
C PHE A 555 -21.80 15.43 -11.70
N GLU A 556 -20.55 15.80 -11.95
CA GLU A 556 -19.51 15.73 -10.93
C GLU A 556 -19.76 16.54 -9.64
N SER A 557 -20.31 17.74 -9.76
CA SER A 557 -20.57 18.58 -8.58
C SER A 557 -21.55 17.95 -7.59
N ILE A 559 -22.01 14.56 -7.33
CA ILE A 559 -21.24 13.44 -6.81
C ILE A 559 -20.20 13.85 -5.76
N ARG A 560 -19.53 14.98 -5.97
CA ARG A 560 -18.50 15.43 -5.04
C ARG A 560 -19.00 15.66 -3.60
N ARG A 561 -20.11 16.38 -3.46
CA ARG A 561 -20.63 16.67 -2.14
C ARG A 561 -21.03 15.41 -1.40
N ILE A 562 -21.67 14.48 -2.10
CA ILE A 562 -22.08 13.23 -1.48
C ILE A 562 -20.85 12.38 -1.11
N GLY A 563 -19.81 12.44 -1.95
CA GLY A 563 -18.59 11.71 -1.67
C GLY A 563 -17.91 12.22 -0.40
N MET A 564 -17.99 13.54 -0.18
CA MET A 564 -17.40 14.14 0.99
C MET A 564 -18.13 13.70 2.25
N ILE A 565 -19.44 13.54 2.17
CA ILE A 565 -20.24 13.10 3.31
C ILE A 565 -19.82 11.68 3.69
N LYS A 566 -19.60 10.84 2.69
CA LYS A 566 -19.17 9.46 2.95
C LYS A 566 -17.74 9.40 3.54
N SER A 567 -16.89 10.34 3.17
CA SER A 567 -15.53 10.41 3.69
C SER A 567 -15.55 10.75 5.18
N LEU A 568 -16.46 11.64 5.57
CA LEU A 568 -16.61 12.03 6.97
C LEU A 568 -17.01 10.81 7.82
N SER A 569 -17.88 9.97 7.27
CA SER A 569 -18.34 8.76 7.93
C SER A 569 -17.18 7.78 8.13
N LEU A 570 -16.36 7.66 7.09
CA LEU A 570 -15.20 6.76 7.12
C LEU A 570 -14.19 7.22 8.16
N VAL A 571 -13.95 8.53 8.21
CA VAL A 571 -13.01 9.08 9.18
C VAL A 571 -13.49 8.81 10.61
N ALA A 572 -14.78 9.04 10.87
CA ALA A 572 -15.34 8.78 12.20
C ALA A 572 -15.25 7.30 12.54
N LEU A 573 -15.44 6.45 11.54
CA LEU A 573 -15.40 5.01 11.72
C LEU A 573 -14.02 4.50 12.16
N LYS A 574 -12.95 4.97 11.53
CA LYS A 574 -11.63 4.50 11.91
C LYS A 574 -11.13 4.98 13.29
N ILE A 575 -11.67 6.12 13.76
CA ILE A 575 -11.26 6.64 15.06
C ILE A 575 -12.07 6.01 16.22
N MET A 576 -13.34 5.71 15.98
CA MET A 576 -14.22 5.14 16.99
C MET A 576 -14.16 3.63 17.13
N SER A 577 -13.62 2.95 16.13
CA SER A 577 -13.50 1.49 16.16
C SER A 577 -12.36 0.99 17.05
N ALA A 578 -12.34 -0.32 17.30
CA ALA A 578 -11.27 -0.94 18.05
C ALA A 578 -10.09 -0.86 17.08
N GLY A 579 -8.87 -0.92 17.58
CA GLY A 579 -7.73 -0.79 16.71
C GLY A 579 -7.27 0.65 16.86
N ILE A 580 -6.19 1.01 16.19
CA ILE A 580 -5.63 2.37 16.27
C ILE A 580 -5.71 3.09 14.91
N PRO A 581 -6.34 4.27 14.88
CA PRO A 581 -6.44 5.03 13.63
C PRO A 581 -5.11 5.56 13.09
N ASP A 582 -4.87 5.34 11.81
CA ASP A 582 -3.65 5.79 11.13
C ASP A 582 -4.04 6.90 10.15
N PHE A 583 -3.15 7.87 9.96
CA PHE A 583 -3.41 8.99 9.03
C PHE A 583 -2.23 9.22 8.10
N TYR A 584 -2.47 9.19 6.80
CA TYR A 584 -1.42 9.46 5.82
C TYR A 584 -1.28 10.97 5.81
N GLN A 585 -0.05 11.47 5.77
CA GLN A 585 0.19 12.92 5.77
C GLN A 585 -0.75 13.70 4.84
N GLY A 586 -1.31 14.78 5.37
CA GLY A 586 -2.19 15.64 4.60
C GLY A 586 -3.65 15.24 4.44
N THR A 587 -4.05 14.11 4.99
CA THR A 587 -5.43 13.66 4.87
C THR A 587 -6.40 14.30 5.85
N GLU A 588 -5.91 15.28 6.61
CA GLU A 588 -6.73 16.03 7.57
C GLU A 588 -7.79 16.77 6.75
N ILE A 589 -7.41 17.10 5.52
CA ILE A 589 -8.31 17.79 4.59
C ILE A 589 -8.51 16.89 3.37
N TRP A 590 -9.26 17.36 2.38
CA TRP A 590 -9.52 16.57 1.17
C TRP A 590 -8.26 16.37 0.33
N ARG A 591 -7.99 15.11 -0.05
CA ARG A 591 -6.84 14.77 -0.89
C ARG A 591 -7.27 13.69 -1.87
N TYR A 592 -7.32 14.04 -3.15
CA TYR A 592 -7.69 13.11 -4.22
C TYR A 592 -6.42 12.66 -4.93
N LEU A 593 -5.84 11.55 -4.46
CA LEU A 593 -4.60 11.02 -5.01
C LEU A 593 -4.75 9.71 -5.75
N LEU A 594 -3.90 9.55 -6.76
CA LEU A 594 -3.89 8.35 -7.58
C LEU A 594 -2.68 7.50 -7.18
N THR A 595 -2.35 6.52 -8.01
CA THR A 595 -1.26 5.60 -7.72
C THR A 595 0.14 6.20 -7.74
N ASP A 596 1.03 5.65 -6.90
CA ASP A 596 2.43 6.05 -6.81
C ASP A 596 2.98 6.23 -8.24
N PRO A 597 3.72 7.32 -8.50
CA PRO A 597 4.18 8.45 -7.66
C PRO A 597 3.21 9.59 -7.32
N ASP A 598 1.97 9.52 -7.78
CA ASP A 598 1.03 10.61 -7.52
C ASP A 598 0.78 10.86 -6.03
N ASN A 599 0.73 9.80 -5.25
CA ASN A 599 0.49 9.93 -3.82
C ASN A 599 1.76 10.30 -3.04
N ARG A 600 2.87 10.49 -3.73
CA ARG A 600 4.14 10.83 -3.08
C ARG A 600 4.50 12.32 -3.08
N VAL A 601 3.57 13.15 -3.53
CA VAL A 601 3.81 14.60 -3.57
C VAL A 601 3.88 15.22 -2.17
N PRO A 602 4.72 16.25 -1.99
CA PRO A 602 4.87 16.92 -0.69
C PRO A 602 3.59 17.60 -0.19
N VAL A 603 3.50 17.73 1.12
CA VAL A 603 2.37 18.34 1.81
C VAL A 603 2.75 19.73 2.38
N ASP A 604 1.85 20.71 2.24
CA ASP A 604 2.10 22.06 2.77
C ASP A 604 1.63 22.11 4.21
N PHE A 605 2.56 21.93 5.15
CA PHE A 605 2.21 21.95 6.55
C PHE A 605 1.83 23.31 7.12
N LYS A 606 2.38 24.38 6.57
CA LYS A 606 2.06 25.73 7.05
C LYS A 606 0.58 26.02 6.81
N LYS A 607 0.11 25.62 5.64
CA LYS A 607 -1.27 25.79 5.23
C LYS A 607 -2.18 24.99 6.15
N LEU A 608 -1.72 23.81 6.58
CA LEU A 608 -2.49 22.97 7.46
C LEU A 608 -2.61 23.59 8.85
N HIS A 609 -1.57 24.32 9.27
CA HIS A 609 -1.55 24.99 10.57
C HIS A 609 -2.65 26.04 10.68
N GLU A 610 -2.78 26.86 9.65
CA GLU A 610 -3.80 27.90 9.65
C GLU A 610 -5.22 27.36 9.56
N ILE A 611 -5.39 26.25 8.85
CA ILE A 611 -6.71 25.62 8.74
C ILE A 611 -7.11 25.05 10.10
N LEU A 612 -6.17 24.44 10.81
CA LEU A 612 -6.48 23.88 12.13
C LEU A 612 -6.82 25.00 13.12
N GLU A 613 -6.10 26.12 12.99
CA GLU A 613 -6.31 27.25 13.87
C GLU A 613 -7.73 27.81 13.78
N LYS A 614 -8.32 27.71 12.60
CA LYS A 614 -9.68 28.20 12.38
C LYS A 614 -10.69 27.06 12.27
N SER A 615 -10.33 25.88 12.76
CA SER A 615 -11.20 24.72 12.71
C SER A 615 -11.34 24.00 14.04
N LYS A 617 -13.35 25.08 16.37
CA LYS A 617 -14.73 25.32 16.79
C LYS A 617 -15.69 25.24 15.60
N PHE A 618 -16.73 24.43 15.78
CA PHE A 618 -17.75 24.22 14.76
C PHE A 618 -18.56 25.46 14.40
N GLU A 619 -18.74 25.66 13.10
CA GLU A 619 -19.51 26.76 12.53
C GLU A 619 -20.37 26.14 11.42
N LYS A 620 -21.61 26.60 11.31
CA LYS A 620 -22.53 26.07 10.30
C LYS A 620 -22.05 26.29 8.87
N ASN A 621 -21.23 27.32 8.67
CA ASN A 621 -20.70 27.62 7.35
C ASN A 621 -19.71 26.57 6.85
N MET A 622 -19.30 25.65 7.72
CA MET A 622 -18.38 24.58 7.34
C MET A 622 -19.14 23.62 6.43
N LEU A 623 -20.43 23.47 6.70
CA LEU A 623 -21.29 22.61 5.90
C LEU A 623 -21.74 23.35 4.64
N GLU A 624 -21.77 24.67 4.71
CA GLU A 624 -22.16 25.52 3.60
C GLU A 624 -21.15 25.42 2.47
N SER A 625 -19.87 25.53 2.83
CA SER A 625 -18.78 25.45 1.85
C SER A 625 -17.76 24.39 2.30
N MET A 626 -18.02 23.14 1.96
CA MET A 626 -17.14 22.03 2.35
C MET A 626 -15.81 21.95 1.61
N ASP A 627 -15.75 22.54 0.41
CA ASP A 627 -14.54 22.53 -0.41
C ASP A 627 -13.25 23.01 0.24
N ASP A 628 -13.36 23.90 1.23
CA ASP A 628 -12.16 24.41 1.89
C ASP A 628 -11.45 23.39 2.79
N GLY A 629 -12.17 22.33 3.16
CA GLY A 629 -11.61 21.28 4.00
C GLY A 629 -11.69 21.48 5.50
N ARG A 630 -12.24 22.61 5.95
CA ARG A 630 -12.36 22.88 7.38
C ARG A 630 -13.18 21.86 8.14
N ILE A 631 -14.24 21.36 7.51
CA ILE A 631 -15.08 20.37 8.15
C ILE A 631 -14.34 19.06 8.38
N LYS A 632 -13.47 18.66 7.44
CA LYS A 632 -12.72 17.42 7.60
C LYS A 632 -11.65 17.59 8.69
N MET A 633 -11.05 18.79 8.76
CA MET A 633 -10.04 19.11 9.76
C MET A 633 -10.65 19.15 11.18
N TYR A 634 -11.86 19.71 11.28
CA TYR A 634 -12.57 19.80 12.56
C TYR A 634 -12.96 18.43 13.10
N LEU A 635 -13.50 17.59 12.23
CA LEU A 635 -13.91 16.25 12.65
C LEU A 635 -12.69 15.44 13.11
N THR A 636 -11.58 15.59 12.42
CA THR A 636 -10.36 14.88 12.78
C THR A 636 -9.88 15.31 14.16
N TYR A 637 -9.65 16.62 14.31
CA TYR A 637 -9.22 17.20 15.56
C TYR A 637 -10.10 16.83 16.76
N LEU A 639 -12.52 14.36 17.22
CA LEU A 639 -12.60 12.95 17.57
C LEU A 639 -11.28 12.41 18.13
N LEU A 640 -10.16 12.91 17.63
CA LEU A 640 -8.85 12.49 18.14
C LEU A 640 -8.64 13.00 19.57
N SER A 641 -9.27 14.13 19.89
CA SER A 641 -9.19 14.71 21.24
C SER A 641 -9.96 13.86 22.24
N LEU A 642 -11.12 13.37 21.81
CA LEU A 642 -11.95 12.52 22.64
C LEU A 642 -11.24 11.19 22.85
N ARG A 643 -10.66 10.68 21.77
CA ARG A 643 -9.93 9.42 21.78
C ARG A 643 -8.72 9.40 22.73
N LYS A 644 -7.93 10.47 22.73
CA LYS A 644 -6.74 10.57 23.57
C LYS A 644 -7.13 10.62 25.05
N GLN A 645 -8.22 11.31 25.34
CA GLN A 645 -8.75 11.46 26.68
C GLN A 645 -9.31 10.13 27.21
N LEU A 646 -9.68 9.23 26.30
CA LEU A 646 -10.23 7.92 26.65
C LEU A 646 -9.49 6.80 25.92
N ALA A 647 -8.18 6.98 25.71
CA ALA A 647 -7.35 6.02 24.98
C ALA A 647 -7.45 4.57 25.41
N GLU A 648 -7.33 4.33 26.72
CA GLU A 648 -7.42 2.97 27.24
C GLU A 648 -8.77 2.34 26.93
N ASP A 649 -9.81 3.13 27.15
CA ASP A 649 -11.17 2.68 26.91
C ASP A 649 -11.42 2.34 25.44
N PHE A 650 -10.87 3.14 24.54
CA PHE A 650 -11.06 2.88 23.11
C PHE A 650 -10.30 1.66 22.60
N LEU A 651 -9.15 1.38 23.20
CA LEU A 651 -8.31 0.26 22.82
C LEU A 651 -8.80 -1.07 23.40
N LYS A 652 -9.05 -1.08 24.71
CA LYS A 652 -9.49 -2.29 25.41
C LYS A 652 -10.98 -2.36 25.67
N GLY A 653 -11.65 -1.21 25.69
CA GLY A 653 -13.08 -1.16 25.95
C GLY A 653 -14.02 -1.96 25.08
N GLU A 654 -15.21 -2.18 25.62
CA GLU A 654 -16.27 -2.95 24.97
C GLU A 654 -16.79 -2.35 23.66
N TYR A 655 -17.28 -3.22 22.79
CA TYR A 655 -17.85 -2.84 21.49
C TYR A 655 -19.20 -3.54 21.35
N LYS A 656 -20.26 -2.78 21.11
CA LYS A 656 -21.59 -3.34 20.97
C LYS A 656 -22.25 -2.88 19.67
N GLY A 657 -22.48 -3.81 18.76
CA GLY A 657 -23.09 -3.48 17.48
C GLY A 657 -24.61 -3.34 17.52
N LEU A 658 -25.10 -2.28 16.89
CA LEU A 658 -26.54 -1.99 16.83
C LEU A 658 -27.12 -2.43 15.48
N ASP A 659 -28.38 -2.88 15.50
CA ASP A 659 -29.03 -3.28 14.26
C ASP A 659 -29.85 -2.11 13.77
N LEU A 660 -29.40 -1.50 12.68
CA LEU A 660 -30.07 -0.36 12.10
C LEU A 660 -30.55 -0.70 10.69
N GLU A 661 -31.31 0.20 10.09
CA GLU A 661 -31.82 -0.03 8.74
C GLU A 661 -30.69 0.15 7.73
N GLU A 662 -30.86 -0.42 6.53
CA GLU A 662 -29.85 -0.31 5.49
C GLU A 662 -29.49 1.14 5.19
N GLY A 663 -28.20 1.43 5.16
CA GLY A 663 -27.74 2.79 4.92
C GLY A 663 -27.10 3.38 6.16
N LEU A 664 -27.26 2.70 7.29
CA LEU A 664 -26.68 3.13 8.56
C LEU A 664 -25.83 2.02 9.18
N CYS A 665 -24.87 2.41 10.00
CA CYS A 665 -23.99 1.50 10.72
C CYS A 665 -23.84 2.13 12.10
N GLY A 666 -24.13 1.39 13.15
CA GLY A 666 -24.03 1.95 14.49
C GLY A 666 -23.49 0.99 15.53
N PHE A 667 -22.91 1.55 16.59
CA PHE A 667 -22.35 0.75 17.67
C PHE A 667 -22.12 1.60 18.92
N ILE A 668 -21.92 0.92 20.04
CA ILE A 668 -21.67 1.57 21.34
C ILE A 668 -20.31 1.14 21.86
N ARG A 669 -19.51 2.10 22.33
CA ARG A 669 -18.20 1.78 22.88
C ARG A 669 -18.27 1.91 24.40
N PHE A 670 -17.71 0.93 25.11
CA PHE A 670 -17.70 0.89 26.57
C PHE A 670 -18.91 1.47 27.30
N ASN A 671 -20.09 1.16 26.77
CA ASN A 671 -21.38 1.59 27.33
C ASN A 671 -21.54 3.08 27.63
N LYS A 672 -20.83 3.93 26.89
CA LYS A 672 -20.91 5.37 27.10
C LYS A 672 -20.98 6.22 25.85
N ILE A 673 -20.49 5.70 24.71
CA ILE A 673 -20.50 6.48 23.47
C ILE A 673 -21.25 5.82 22.31
N LEU A 674 -22.35 6.43 21.92
CA LEU A 674 -23.17 5.93 20.81
C LEU A 674 -22.67 6.53 19.51
N VAL A 675 -22.35 5.68 18.55
CA VAL A 675 -21.83 6.13 17.26
C VAL A 675 -22.78 5.74 16.13
N ILE A 676 -23.29 6.73 15.41
CA ILE A 676 -24.19 6.47 14.28
C ILE A 676 -23.56 7.05 13.01
N ILE A 677 -23.31 6.20 12.03
CA ILE A 677 -22.69 6.61 10.77
C ILE A 677 -23.53 6.16 9.58
N LYS A 678 -23.74 7.02 8.59
CA LYS A 678 -24.50 6.57 7.44
C LYS A 678 -23.58 6.12 6.29
N THR A 679 -23.88 4.93 5.78
CA THR A 679 -23.11 4.36 4.69
C THR A 679 -23.65 4.75 3.31
N LYS A 680 -24.92 5.17 3.26
CA LYS A 680 -25.54 5.61 2.02
C LYS A 680 -25.58 7.12 2.09
N GLY A 681 -24.68 7.77 1.35
CA GLY A 681 -24.58 9.22 1.38
C GLY A 681 -25.74 10.07 0.89
N SER A 682 -26.50 9.58 -0.09
CA SER A 682 -27.61 10.34 -0.66
C SER A 682 -28.95 10.34 0.08
N VAL A 683 -29.03 9.63 1.19
CA VAL A 683 -30.28 9.55 1.95
C VAL A 683 -30.12 10.05 3.39
N ASN A 684 -31.15 10.73 3.90
CA ASN A 684 -31.15 11.23 5.26
C ASN A 684 -31.99 10.28 6.12
N TYR A 685 -31.50 9.96 7.31
CA TYR A 685 -32.18 9.02 8.21
C TYR A 685 -32.61 9.66 9.54
N LYS A 686 -33.58 9.04 10.20
CA LYS A 686 -34.07 9.54 11.48
C LYS A 686 -34.14 8.34 12.41
N LEU A 687 -33.74 8.52 13.67
CA LEU A 687 -33.77 7.40 14.59
C LEU A 687 -34.32 7.81 15.95
N LYS A 688 -35.25 7.01 16.47
CA LYS A 688 -35.85 7.27 17.78
C LYS A 688 -34.91 6.78 18.87
N LEU A 689 -34.61 7.66 19.81
CA LEU A 689 -33.72 7.31 20.92
C LEU A 689 -34.51 6.72 22.09
N GLU A 690 -33.79 6.10 23.02
CA GLU A 690 -34.38 5.47 24.20
C GLU A 690 -35.12 6.47 25.10
N GLU A 691 -36.12 5.96 25.82
CA GLU A 691 -36.94 6.78 26.71
C GLU A 691 -36.17 7.45 27.84
N GLY A 692 -36.27 8.77 27.89
CA GLY A 692 -35.61 9.54 28.94
C GLY A 692 -34.16 9.90 28.70
N ALA A 693 -33.42 9.01 28.05
CA ALA A 693 -32.00 9.22 27.77
C ALA A 693 -31.68 10.54 27.07
N ILE A 694 -30.71 11.27 27.62
CA ILE A 694 -30.25 12.55 27.06
C ILE A 694 -28.82 12.35 26.58
N TYR A 695 -28.49 12.93 25.44
CA TYR A 695 -27.15 12.79 24.89
C TYR A 695 -26.59 14.15 24.51
N THR A 696 -25.28 14.19 24.30
CA THR A 696 -24.61 15.40 23.88
C THR A 696 -23.82 15.06 22.62
N ASP A 697 -24.05 15.83 21.56
CA ASP A 697 -23.35 15.62 20.29
C ASP A 697 -21.97 16.27 20.43
N VAL A 698 -20.94 15.42 20.43
CA VAL A 698 -19.55 15.87 20.57
C VAL A 698 -19.09 16.85 19.49
N LEU A 699 -19.63 16.73 18.27
CA LEU A 699 -19.24 17.60 17.17
C LEU A 699 -20.01 18.94 17.08
N THR A 700 -21.32 18.90 17.30
CA THR A 700 -22.15 20.12 17.23
C THR A 700 -22.48 20.74 18.59
N GLY A 701 -22.31 19.98 19.66
CA GLY A 701 -22.62 20.46 20.99
C GLY A 701 -24.09 20.41 21.35
N GLU A 702 -24.95 20.04 20.39
CA GLU A 702 -26.40 19.97 20.62
C GLU A 702 -26.81 18.96 21.67
N GLU A 703 -27.95 19.21 22.30
CA GLU A 703 -28.51 18.28 23.28
C GLU A 703 -29.42 17.39 22.45
N ILE A 704 -29.20 16.08 22.51
CA ILE A 704 -30.00 15.14 21.73
C ILE A 704 -30.91 14.31 22.61
N LYS A 705 -32.17 14.20 22.23
CA LYS A 705 -33.16 13.42 22.98
C LYS A 705 -34.40 13.08 22.11
N LYS A 706 -35.06 11.98 22.46
CA LYS A 706 -36.25 11.49 21.76
C LYS A 706 -35.95 10.93 20.36
N GLU A 707 -35.44 11.77 19.47
CA GLU A 707 -35.11 11.35 18.12
C GLU A 707 -33.92 12.14 17.58
N VAL A 708 -33.21 11.55 16.62
CA VAL A 708 -32.05 12.20 16.04
C VAL A 708 -32.08 12.03 14.51
N GLN A 709 -31.76 13.11 13.81
CA GLN A 709 -31.72 13.09 12.37
C GLN A 709 -30.26 12.93 11.96
N ILE A 710 -29.99 12.07 10.98
CA ILE A 710 -28.63 11.86 10.51
C ILE A 710 -28.53 12.49 9.10
N ASN A 711 -27.91 13.67 9.03
CA ASN A 711 -27.73 14.43 7.77
C ASN A 711 -26.34 14.36 7.14
N GLU A 712 -25.63 15.48 7.15
CA GLU A 712 -24.28 15.57 6.57
C GLU A 712 -23.15 15.05 7.46
N LEU A 713 -23.38 14.97 8.77
CA LEU A 713 -22.35 14.51 9.70
C LEU A 713 -22.72 13.28 10.50
N PRO A 714 -21.70 12.50 10.91
CA PRO A 714 -21.98 11.29 11.70
C PRO A 714 -22.35 11.77 13.10
N ARG A 715 -23.11 10.96 13.83
CA ARG A 715 -23.51 11.32 15.18
C ARG A 715 -22.72 10.54 16.23
N ILE A 716 -21.89 11.25 16.98
CA ILE A 716 -21.09 10.65 18.04
C ILE A 716 -21.76 11.21 19.29
N LEU A 717 -22.54 10.36 19.97
CA LEU A 717 -23.30 10.78 21.14
C LEU A 717 -22.83 10.23 22.49
N VAL A 718 -22.52 11.14 23.41
CA VAL A 718 -22.10 10.74 24.75
C VAL A 718 -23.30 10.75 25.69
N ARG A 719 -23.62 9.58 26.25
CA ARG A 719 -24.73 9.44 27.17
C ARG A 719 -24.50 10.39 28.34
N MET A 720 -25.49 11.21 28.65
CA MET A 720 -25.40 12.18 29.74
C MET A 720 -26.20 11.83 30.99
#